data_3TV1
#
_entry.id   3TV1
#
_cell.length_a   52.160
_cell.length_b   79.810
_cell.length_c   85.670
_cell.angle_alpha   90.00
_cell.angle_beta   103.65
_cell.angle_gamma   90.00
#
_symmetry.space_group_name_H-M   'P 1 21 1'
#
loop_
_entity.id
_entity.type
_entity.pdbx_description
1 polymer "RNA 3'-terminal phosphate cyclase"
2 non-polymer 'ADENOSINE MONOPHOSPHATE'
3 non-polymer 'SULFATE ION'
4 non-polymer 1,2-ETHANEDIOL
5 non-polymer GLYCEROL
6 non-polymer 'CHLORIDE ION'
7 non-polymer DI(HYDROXYETHYL)ETHER
8 water water
#
_entity_poly.entity_id   1
_entity_poly.type   'polypeptide(L)'
_entity_poly.pdbx_seq_one_letter_code
;GHHHHHHHHHHSSGHIEGRHMKRMIALDGAQGEGGGQILRSALSLSMITGQPFTITSIRAGRAKPGLLRQHLTAVKAATE
ICGATVEGAELGSQRLLFRPGTVRGGDYRFAIGSAGSCTLVLQTVLPALWFADGPSRVEVSGGTDNPSAPPADFIRRVLE
PLLAKIGIHQQTTLLRHGFYPAGGGVVATEVSPVASFNTLQLGERGNIVQMRGEVLLAGVPRHVAEREIATLAGSFSLHE
QNIHNLPRDQGPGNTVSLEVESENITERFFVVGEKRVSAEVVAAQLVKEVKRYLASTAAVGEYLADQLVLPMALAGAGEF
TVAHPSSNLLTNIAVVERFLPVRFSLIETDGVTRVSIE
;
_entity_poly.pdbx_strand_id   A,B
#
# COMPACT_ATOMS: atom_id res chain seq x y z
N ARG A 23 -7.20 -29.09 31.93
CA ARG A 23 -5.90 -28.57 31.51
C ARG A 23 -5.63 -29.00 30.07
N MET A 24 -5.49 -30.31 29.86
CA MET A 24 -5.34 -30.84 28.51
C MET A 24 -6.68 -30.85 27.76
N ILE A 25 -6.76 -30.08 26.68
CA ILE A 25 -7.96 -30.02 25.85
C ILE A 25 -7.94 -31.13 24.81
N ALA A 26 -8.97 -31.97 24.82
CA ALA A 26 -9.04 -33.09 23.91
C ALA A 26 -9.92 -32.74 22.70
N LEU A 27 -9.34 -32.80 21.51
CA LEU A 27 -10.07 -32.47 20.28
C LEU A 27 -10.16 -33.69 19.37
N ASP A 28 -11.26 -33.78 18.64
CA ASP A 28 -11.50 -34.93 17.79
C ASP A 28 -11.45 -34.49 16.34
N GLY A 29 -10.59 -35.13 15.55
CA GLY A 29 -10.52 -34.83 14.13
C GLY A 29 -11.42 -35.68 13.25
N ALA A 30 -12.10 -36.65 13.83
CA ALA A 30 -12.91 -37.58 13.04
C ALA A 30 -13.97 -36.92 12.15
N GLN A 31 -14.52 -35.79 12.60
CA GLN A 31 -15.55 -35.07 11.84
C GLN A 31 -15.03 -34.13 10.75
N GLY A 32 -13.71 -34.10 10.56
CA GLY A 32 -13.14 -33.27 9.52
C GLY A 32 -12.28 -32.14 10.07
N GLU A 33 -11.32 -31.70 9.25
CA GLU A 33 -10.44 -30.58 9.58
C GLU A 33 -9.47 -30.86 10.72
N GLY A 34 -9.28 -32.12 11.07
CA GLY A 34 -8.33 -32.49 12.10
C GLY A 34 -6.93 -32.00 11.78
N GLY A 35 -6.56 -32.04 10.50
CA GLY A 35 -5.25 -31.56 10.09
C GLY A 35 -5.31 -30.12 9.60
N GLY A 36 -6.53 -29.62 9.43
CA GLY A 36 -6.75 -28.32 8.84
C GLY A 36 -7.14 -27.25 9.83
N GLN A 37 -8.38 -26.82 9.76
CA GLN A 37 -8.83 -25.69 10.57
C GLN A 37 -8.74 -25.99 12.06
N ILE A 38 -9.08 -27.20 12.47
CA ILE A 38 -8.98 -27.51 13.91
C ILE A 38 -7.54 -27.39 14.37
N LEU A 39 -6.64 -27.97 13.60
CA LEU A 39 -5.21 -27.91 13.90
C LEU A 39 -4.73 -26.47 13.99
N ARG A 40 -5.02 -25.66 12.97
CA ARG A 40 -4.51 -24.30 12.91
C ARG A 40 -5.00 -23.45 14.08
N SER A 41 -6.30 -23.52 14.34
CA SER A 41 -6.86 -22.72 15.43
C SER A 41 -6.43 -23.22 16.80
N ALA A 42 -6.30 -24.54 16.94
CA ALA A 42 -5.90 -25.11 18.22
C ALA A 42 -4.47 -24.69 18.52
N LEU A 43 -3.62 -24.69 17.51
CA LEU A 43 -2.24 -24.28 17.74
C LEU A 43 -2.19 -22.88 18.32
N SER A 44 -2.85 -21.91 17.66
CA SER A 44 -2.73 -20.54 18.14
C SER A 44 -3.43 -20.31 19.48
N LEU A 45 -4.63 -20.86 19.64
CA LEU A 45 -5.35 -20.73 20.91
C LEU A 45 -4.56 -21.35 22.06
N SER A 46 -3.93 -22.48 21.78
CA SER A 46 -3.11 -23.17 22.76
C SER A 46 -1.97 -22.25 23.15
N MET A 47 -1.27 -21.70 22.16
CA MET A 47 -0.17 -20.78 22.42
C MET A 47 -0.63 -19.57 23.22
N ILE A 48 -1.78 -19.03 22.86
CA ILE A 48 -2.30 -17.83 23.52
C ILE A 48 -2.66 -18.09 24.98
N THR A 49 -3.38 -19.18 25.22
CA THR A 49 -3.94 -19.45 26.55
C THR A 49 -3.05 -20.27 27.48
N GLY A 50 -2.08 -20.99 26.90
CA GLY A 50 -1.20 -21.82 27.69
C GLY A 50 -1.76 -23.21 27.91
N GLN A 51 -2.95 -23.47 27.36
CA GLN A 51 -3.58 -24.78 27.51
C GLN A 51 -3.09 -25.75 26.45
N PRO A 52 -2.52 -26.89 26.88
CA PRO A 52 -2.12 -27.90 25.90
C PRO A 52 -3.35 -28.59 25.30
N PHE A 53 -3.15 -29.29 24.18
CA PHE A 53 -4.23 -30.06 23.56
C PHE A 53 -3.72 -31.31 22.87
N THR A 54 -4.65 -32.23 22.65
CA THR A 54 -4.39 -33.43 21.87
CA THR A 54 -4.39 -33.42 21.88
C THR A 54 -5.49 -33.55 20.84
N ILE A 55 -5.12 -33.81 19.60
CA ILE A 55 -6.12 -34.08 18.58
C ILE A 55 -5.96 -35.55 18.26
N THR A 56 -7.08 -36.28 18.24
CA THR A 56 -7.02 -37.68 17.86
C THR A 56 -7.80 -37.88 16.57
N SER A 57 -7.54 -38.98 15.88
CA SER A 57 -8.25 -39.36 14.67
C SER A 57 -8.10 -38.32 13.57
N ILE A 58 -6.91 -37.76 13.46
CA ILE A 58 -6.62 -36.79 12.41
C ILE A 58 -6.75 -37.41 11.03
N ARG A 59 -7.78 -36.98 10.30
CA ARG A 59 -7.98 -37.42 8.91
C ARG A 59 -8.03 -38.94 8.75
N ALA A 60 -8.68 -39.63 9.69
CA ALA A 60 -8.73 -41.09 9.69
C ALA A 60 -9.41 -41.71 8.47
N GLY A 61 -10.31 -40.96 7.85
CA GLY A 61 -11.10 -41.50 6.76
C GLY A 61 -10.58 -41.10 5.41
N ARG A 62 -9.36 -40.56 5.35
CA ARG A 62 -8.72 -40.19 4.10
C ARG A 62 -7.74 -41.24 3.61
N ALA A 63 -7.74 -41.49 2.31
CA ALA A 63 -6.90 -42.53 1.71
C ALA A 63 -5.45 -42.48 2.18
N LYS A 64 -4.90 -41.28 2.26
CA LYS A 64 -3.61 -41.05 2.92
C LYS A 64 -3.89 -40.31 4.22
N PRO A 65 -4.03 -41.08 5.32
CA PRO A 65 -4.50 -40.54 6.60
C PRO A 65 -3.43 -39.86 7.43
N GLY A 66 -3.89 -39.09 8.43
CA GLY A 66 -3.02 -38.48 9.41
C GLY A 66 -2.38 -37.19 8.93
N LEU A 67 -1.36 -36.74 9.66
CA LEU A 67 -0.69 -35.49 9.36
C LEU A 67 0.06 -35.57 8.05
N LEU A 68 -0.16 -34.58 7.19
CA LEU A 68 0.54 -34.49 5.93
C LEU A 68 1.66 -33.48 6.10
N ARG A 69 2.49 -33.33 5.08
CA ARG A 69 3.68 -32.51 5.22
C ARG A 69 3.33 -31.08 5.63
N GLN A 70 2.32 -30.51 5.00
CA GLN A 70 1.94 -29.13 5.29
C GLN A 70 1.48 -28.95 6.74
N HIS A 71 0.88 -29.98 7.30
CA HIS A 71 0.46 -29.95 8.69
C HIS A 71 1.64 -29.92 9.65
N LEU A 72 2.64 -30.76 9.40
CA LEU A 72 3.82 -30.78 10.24
C LEU A 72 4.56 -29.45 10.20
N THR A 73 4.59 -28.85 9.02
CA THR A 73 5.21 -27.53 8.87
C THR A 73 4.54 -26.52 9.80
N ALA A 74 3.21 -26.53 9.81
CA ALA A 74 2.46 -25.64 10.70
C ALA A 74 2.75 -25.93 12.18
N VAL A 75 2.79 -27.21 12.53
CA VAL A 75 3.10 -27.63 13.90
C VAL A 75 4.52 -27.25 14.31
N LYS A 76 5.47 -27.44 13.41
CA LYS A 76 6.87 -27.11 13.69
C LYS A 76 7.04 -25.61 13.85
N ALA A 77 6.33 -24.84 13.03
CA ALA A 77 6.34 -23.38 13.16
C ALA A 77 5.81 -22.92 14.52
N ALA A 78 4.68 -23.46 14.95
CA ALA A 78 4.11 -23.12 16.26
C ALA A 78 5.07 -23.52 17.38
N THR A 79 5.65 -24.71 17.24
CA THR A 79 6.63 -25.21 18.18
C THR A 79 7.79 -24.22 18.35
N GLU A 80 8.31 -23.74 17.23
CA GLU A 80 9.44 -22.82 17.27
C GLU A 80 9.07 -21.51 17.94
N ILE A 81 7.85 -21.04 17.70
CA ILE A 81 7.43 -19.74 18.22
C ILE A 81 7.26 -19.75 19.75
N CYS A 82 6.84 -20.88 20.29
CA CYS A 82 6.52 -20.93 21.71
C CYS A 82 7.30 -21.97 22.52
N GLY A 83 8.35 -22.54 21.94
CA GLY A 83 9.14 -23.54 22.63
C GLY A 83 8.33 -24.72 23.15
N ALA A 84 7.48 -25.26 22.30
CA ALA A 84 6.53 -26.29 22.69
C ALA A 84 7.15 -27.68 22.77
N THR A 85 6.53 -28.53 23.59
CA THR A 85 6.81 -29.96 23.57
C THR A 85 5.66 -30.63 22.82
N VAL A 86 6.00 -31.60 21.98
CA VAL A 86 5.00 -32.24 21.12
CA VAL A 86 5.03 -32.23 21.09
C VAL A 86 5.18 -33.75 21.07
N GLU A 87 4.08 -34.45 20.88
CA GLU A 87 4.08 -35.89 20.68
C GLU A 87 3.29 -36.18 19.41
N GLY A 88 3.78 -37.10 18.60
CA GLY A 88 3.02 -37.56 17.45
C GLY A 88 3.14 -36.64 16.25
N ALA A 89 4.09 -35.71 16.28
CA ALA A 89 4.27 -34.81 15.14
C ALA A 89 5.09 -35.51 14.05
N GLU A 90 4.50 -36.56 13.46
CA GLU A 90 5.15 -37.32 12.41
C GLU A 90 4.19 -37.51 11.25
N LEU A 91 4.73 -37.68 10.06
CA LEU A 91 3.88 -37.89 8.90
C LEU A 91 3.03 -39.14 9.09
N GLY A 92 1.73 -39.01 8.84
CA GLY A 92 0.79 -40.11 8.93
C GLY A 92 0.21 -40.34 10.31
N SER A 93 0.71 -39.63 11.31
CA SER A 93 0.22 -39.76 12.67
C SER A 93 -1.21 -39.27 12.77
N GLN A 94 -2.05 -40.01 13.47
CA GLN A 94 -3.45 -39.57 13.65
C GLN A 94 -3.68 -38.99 15.05
N ARG A 95 -2.59 -38.88 15.81
CA ARG A 95 -2.66 -38.27 17.14
C ARG A 95 -1.56 -37.25 17.31
N LEU A 96 -1.92 -36.07 17.81
CA LEU A 96 -0.94 -35.02 18.02
C LEU A 96 -1.15 -34.39 19.38
N LEU A 97 -0.07 -34.31 20.15
CA LEU A 97 -0.14 -33.65 21.45
C LEU A 97 0.81 -32.46 21.47
N PHE A 98 0.32 -31.34 21.99
CA PHE A 98 1.03 -30.08 21.91
C PHE A 98 0.92 -29.35 23.25
N ARG A 99 2.07 -29.11 23.89
CA ARG A 99 2.12 -28.36 25.15
C ARG A 99 2.96 -27.11 24.91
N PRO A 100 2.29 -25.95 24.87
CA PRO A 100 2.95 -24.71 24.45
C PRO A 100 3.88 -24.21 25.53
N GLY A 101 4.90 -23.48 25.12
CA GLY A 101 5.73 -22.72 26.06
C GLY A 101 5.36 -21.25 25.89
N THR A 102 6.25 -20.36 26.32
CA THR A 102 5.98 -18.94 26.20
C THR A 102 6.15 -18.45 24.76
N VAL A 103 5.18 -17.67 24.27
CA VAL A 103 5.24 -17.10 22.92
C VAL A 103 6.25 -15.96 22.84
N ARG A 104 7.28 -16.13 22.01
CA ARG A 104 8.28 -15.10 21.82
C ARG A 104 8.07 -14.33 20.53
N GLY A 105 8.17 -13.01 20.61
CA GLY A 105 8.17 -12.19 19.42
C GLY A 105 9.44 -12.42 18.62
N GLY A 106 9.66 -11.64 17.57
CA GLY A 106 10.91 -11.72 16.85
C GLY A 106 10.76 -12.03 15.38
N ASP A 107 11.87 -12.43 14.77
CA ASP A 107 11.87 -12.67 13.33
C ASP A 107 11.84 -14.16 13.04
N TYR A 108 10.87 -14.57 12.23
CA TYR A 108 10.72 -15.97 11.91
C TYR A 108 10.72 -16.20 10.41
N ARG A 109 11.28 -17.32 10.00
CA ARG A 109 11.27 -17.75 8.61
C ARG A 109 10.82 -19.20 8.56
N PHE A 110 9.73 -19.47 7.86
CA PHE A 110 9.25 -20.84 7.68
C PHE A 110 9.20 -21.22 6.20
N ALA A 111 9.36 -22.51 5.92
CA ALA A 111 9.41 -22.99 4.53
C ALA A 111 8.42 -24.13 4.35
N ILE A 112 7.33 -23.88 3.65
CA ILE A 112 6.31 -24.93 3.54
C ILE A 112 6.41 -25.63 2.18
N GLY A 113 7.10 -25.00 1.24
CA GLY A 113 7.31 -25.59 -0.07
C GLY A 113 6.01 -25.75 -0.83
N SER A 114 6.08 -26.51 -1.92
CA SER A 114 4.91 -26.66 -2.79
C SER A 114 3.85 -27.50 -2.13
N ALA A 115 4.21 -28.17 -1.04
CA ALA A 115 3.28 -29.04 -0.33
C ALA A 115 2.18 -28.24 0.37
N GLY A 116 2.43 -26.95 0.61
CA GLY A 116 1.52 -26.14 1.38
C GLY A 116 1.32 -24.70 0.94
N SER A 117 0.56 -23.98 1.76
CA SER A 117 0.21 -22.58 1.48
CA SER A 117 0.20 -22.59 1.49
C SER A 117 0.88 -21.65 2.48
N CYS A 118 1.61 -20.66 1.97
CA CYS A 118 2.21 -19.64 2.82
C CYS A 118 1.18 -19.02 3.78
N THR A 119 0.02 -18.65 3.24
CA THR A 119 -0.96 -17.93 4.05
C THR A 119 -1.62 -18.79 5.14
N LEU A 120 -1.61 -20.11 4.96
CA LEU A 120 -2.15 -20.99 6.00
C LEU A 120 -1.18 -21.12 7.18
N VAL A 121 0.11 -21.11 6.90
CA VAL A 121 1.09 -21.08 7.96
C VAL A 121 0.86 -19.78 8.74
N LEU A 122 0.69 -18.68 8.01
CA LEU A 122 0.47 -17.37 8.61
C LEU A 122 -0.78 -17.37 9.49
N GLN A 123 -1.87 -17.92 8.96
CA GLN A 123 -3.11 -18.05 9.75
C GLN A 123 -2.87 -18.85 11.03
N THR A 124 -1.98 -19.84 10.95
CA THR A 124 -1.68 -20.70 12.08
C THR A 124 -0.98 -19.96 13.20
N VAL A 125 0.02 -19.15 12.83
CA VAL A 125 0.91 -18.55 13.82
C VAL A 125 0.61 -17.10 14.24
N LEU A 126 0.00 -16.31 13.37
CA LEU A 126 -0.21 -14.88 13.66
C LEU A 126 -1.05 -14.57 14.91
N PRO A 127 -2.17 -15.30 15.11
CA PRO A 127 -2.95 -14.98 16.31
C PRO A 127 -2.13 -15.10 17.60
N ALA A 128 -1.22 -16.05 17.67
CA ALA A 128 -0.35 -16.18 18.83
C ALA A 128 0.55 -14.95 18.98
N LEU A 129 1.00 -14.43 17.85
CA LEU A 129 1.96 -13.33 17.86
C LEU A 129 1.28 -12.04 18.27
N TRP A 130 -0.04 -11.99 18.19
CA TRP A 130 -0.77 -10.86 18.76
C TRP A 130 -0.56 -10.82 20.27
N PHE A 131 -0.09 -11.92 20.83
CA PHE A 131 0.13 -12.01 22.27
C PHE A 131 1.60 -12.16 22.67
N ALA A 132 2.49 -11.94 21.70
CA ALA A 132 3.92 -11.99 21.99
C ALA A 132 4.34 -10.78 22.82
N ASP A 133 5.57 -10.82 23.33
CA ASP A 133 6.07 -9.74 24.17
C ASP A 133 6.59 -8.55 23.36
N GLY A 134 6.67 -8.71 22.05
CA GLY A 134 7.14 -7.63 21.18
C GLY A 134 6.72 -7.86 19.75
N PRO A 135 7.09 -6.94 18.86
CA PRO A 135 6.76 -7.02 17.44
C PRO A 135 7.42 -8.23 16.80
N SER A 136 6.80 -8.74 15.75
CA SER A 136 7.35 -9.88 15.04
C SER A 136 7.26 -9.67 13.53
N ARG A 137 8.06 -10.45 12.82
CA ARG A 137 7.96 -10.54 11.37
CA ARG A 137 7.97 -10.53 11.38
C ARG A 137 8.02 -12.01 11.01
N VAL A 138 7.06 -12.45 10.21
CA VAL A 138 7.02 -13.84 9.81
C VAL A 138 7.10 -13.89 8.29
N GLU A 139 8.04 -14.67 7.79
CA GLU A 139 8.20 -14.84 6.36
C GLU A 139 8.10 -16.31 6.03
N VAL A 140 7.18 -16.65 5.13
CA VAL A 140 6.93 -18.03 4.78
C VAL A 140 7.16 -18.27 3.28
N SER A 141 7.97 -19.26 2.95
CA SER A 141 8.17 -19.64 1.55
C SER A 141 7.34 -20.87 1.23
N GLY A 142 6.87 -20.95 -0.02
CA GLY A 142 6.02 -22.06 -0.43
C GLY A 142 4.98 -21.61 -1.44
N GLY A 143 3.85 -22.29 -1.45
CA GLY A 143 2.85 -22.04 -2.46
C GLY A 143 2.00 -20.82 -2.16
N THR A 144 1.71 -20.04 -3.20
CA THR A 144 0.76 -18.96 -3.13
C THR A 144 -0.35 -19.22 -4.14
N ASP A 145 -1.37 -18.37 -4.15
CA ASP A 145 -2.44 -18.49 -5.13
C ASP A 145 -3.10 -19.85 -5.06
N ASN A 146 -3.24 -20.36 -3.84
CA ASN A 146 -3.83 -21.66 -3.59
C ASN A 146 -5.36 -21.57 -3.56
N PRO A 147 -6.04 -22.48 -4.24
CA PRO A 147 -7.51 -22.44 -4.29
C PRO A 147 -8.16 -22.70 -2.93
N SER A 148 -7.39 -23.14 -1.93
CA SER A 148 -7.98 -23.49 -0.63
C SER A 148 -7.27 -22.79 0.53
N ALA A 149 -6.97 -21.51 0.34
CA ALA A 149 -6.25 -20.72 1.32
C ALA A 149 -6.60 -19.27 1.09
N PRO A 150 -6.43 -18.42 2.11
CA PRO A 150 -6.71 -17.01 1.86
C PRO A 150 -5.60 -16.44 0.98
N PRO A 151 -5.95 -15.75 -0.11
CA PRO A 151 -4.92 -15.12 -0.95
C PRO A 151 -4.23 -14.00 -0.18
N ALA A 152 -2.94 -13.79 -0.40
CA ALA A 152 -2.23 -12.71 0.30
C ALA A 152 -2.97 -11.38 0.22
N ASP A 153 -3.46 -11.03 -0.97
CA ASP A 153 -4.22 -9.78 -1.14
C ASP A 153 -5.56 -9.74 -0.37
N PHE A 154 -6.18 -10.91 -0.18
CA PHE A 154 -7.37 -10.98 0.67
C PHE A 154 -7.00 -10.61 2.11
N ILE A 155 -5.90 -11.19 2.59
CA ILE A 155 -5.43 -10.89 3.94
CA ILE A 155 -5.43 -10.89 3.94
C ILE A 155 -5.17 -9.40 4.08
N ARG A 156 -4.44 -8.86 3.11
CA ARG A 156 -4.02 -7.46 3.15
C ARG A 156 -5.17 -6.47 3.04
N ARG A 157 -6.07 -6.70 2.08
CA ARG A 157 -7.09 -5.72 1.74
C ARG A 157 -8.48 -5.96 2.37
N VAL A 158 -8.72 -7.15 2.88
CA VAL A 158 -10.02 -7.47 3.47
C VAL A 158 -9.91 -7.79 4.96
N LEU A 159 -9.08 -8.76 5.31
CA LEU A 159 -9.00 -9.15 6.72
C LEU A 159 -8.28 -8.10 7.57
N GLU A 160 -7.13 -7.61 7.11
CA GLU A 160 -6.33 -6.71 7.95
C GLU A 160 -7.00 -5.36 8.31
N PRO A 161 -7.76 -4.76 7.38
CA PRO A 161 -8.50 -3.56 7.79
C PRO A 161 -9.51 -3.85 8.89
N LEU A 162 -10.08 -5.06 8.92
CA LEU A 162 -11.03 -5.42 9.97
C LEU A 162 -10.32 -5.77 11.27
N LEU A 163 -9.23 -6.52 11.17
CA LEU A 163 -8.42 -6.78 12.35
C LEU A 163 -8.03 -5.47 13.03
N ALA A 164 -7.64 -4.48 12.23
CA ALA A 164 -7.27 -3.17 12.76
C ALA A 164 -8.42 -2.59 13.59
N LYS A 165 -9.64 -2.67 13.06
CA LYS A 165 -10.82 -2.21 13.80
C LYS A 165 -11.00 -2.93 15.13
N ILE A 166 -10.58 -4.19 15.18
CA ILE A 166 -10.67 -5.01 16.39
C ILE A 166 -9.52 -4.65 17.36
N GLY A 167 -8.52 -3.92 16.86
CA GLY A 167 -7.38 -3.50 17.65
C GLY A 167 -6.12 -4.32 17.41
N ILE A 168 -6.21 -5.19 16.40
CA ILE A 168 -5.08 -6.04 16.03
C ILE A 168 -4.37 -5.41 14.84
N HIS A 169 -3.06 -5.23 14.96
CA HIS A 169 -2.33 -4.55 13.90
C HIS A 169 -1.29 -5.44 13.23
N GLN A 170 -1.59 -5.84 12.00
CA GLN A 170 -0.68 -6.68 11.25
C GLN A 170 -0.79 -6.28 9.80
N GLN A 171 0.31 -6.45 9.08
CA GLN A 171 0.36 -6.05 7.69
C GLN A 171 1.11 -7.09 6.86
N THR A 172 0.39 -7.65 5.90
CA THR A 172 0.89 -8.72 5.07
C THR A 172 1.25 -8.20 3.66
N THR A 173 2.39 -8.64 3.16
CA THR A 173 2.80 -8.32 1.81
C THR A 173 3.28 -9.59 1.13
N LEU A 174 2.77 -9.86 -0.06
CA LEU A 174 3.34 -10.93 -0.87
C LEU A 174 4.61 -10.39 -1.52
N LEU A 175 5.70 -11.14 -1.43
CA LEU A 175 6.97 -10.69 -1.98
C LEU A 175 7.28 -11.40 -3.30
N ARG A 176 6.76 -12.61 -3.46
CA ARG A 176 6.95 -13.37 -4.69
C ARG A 176 5.87 -14.42 -4.83
N HIS A 177 5.34 -14.58 -6.03
CA HIS A 177 4.36 -15.62 -6.31
C HIS A 177 5.03 -16.97 -6.55
N GLY A 178 4.33 -18.03 -6.18
CA GLY A 178 4.70 -19.38 -6.51
C GLY A 178 3.40 -20.09 -6.73
N PHE A 179 2.85 -19.97 -7.93
CA PHE A 179 1.48 -20.42 -8.15
C PHE A 179 1.28 -21.90 -7.87
N TYR A 180 0.29 -22.18 -7.04
CA TYR A 180 -0.16 -23.54 -6.80
C TYR A 180 -0.32 -24.20 -8.17
N PRO A 181 0.14 -25.46 -8.29
CA PRO A 181 0.65 -26.28 -7.20
C PRO A 181 2.17 -26.27 -7.01
N ALA A 182 2.86 -25.24 -7.48
CA ALA A 182 4.29 -25.10 -7.24
C ALA A 182 4.56 -24.43 -5.91
N GLY A 183 5.84 -24.34 -5.56
CA GLY A 183 6.27 -23.57 -4.40
C GLY A 183 7.07 -22.37 -4.88
N GLY A 184 7.97 -21.89 -4.04
CA GLY A 184 8.86 -20.81 -4.43
C GLY A 184 8.30 -19.42 -4.22
N GLY A 185 7.05 -19.32 -3.75
CA GLY A 185 6.47 -18.03 -3.45
C GLY A 185 6.92 -17.56 -2.07
N VAL A 186 6.72 -16.27 -1.78
CA VAL A 186 7.09 -15.74 -0.47
C VAL A 186 6.09 -14.69 0.02
N VAL A 187 5.61 -14.87 1.24
CA VAL A 187 4.64 -13.94 1.82
C VAL A 187 5.12 -13.58 3.22
N ALA A 188 5.10 -12.29 3.56
CA ALA A 188 5.58 -11.88 4.87
C ALA A 188 4.56 -11.01 5.58
N THR A 189 4.50 -11.15 6.91
CA THR A 189 3.63 -10.34 7.74
C THR A 189 4.42 -9.67 8.87
N GLU A 190 4.19 -8.37 9.05
CA GLU A 190 4.67 -7.62 10.20
C GLU A 190 3.55 -7.55 11.22
N VAL A 191 3.85 -7.83 12.47
CA VAL A 191 2.80 -7.83 13.49
C VAL A 191 3.29 -7.19 14.78
N SER A 192 2.38 -6.52 15.48
CA SER A 192 2.69 -6.00 16.81
C SER A 192 1.69 -6.56 17.82
N PRO A 193 2.14 -6.74 19.07
CA PRO A 193 1.24 -7.25 20.11
C PRO A 193 0.06 -6.31 20.28
N VAL A 194 -1.13 -6.87 20.51
CA VAL A 194 -2.33 -6.09 20.77
CA VAL A 194 -2.31 -6.07 20.75
C VAL A 194 -2.18 -5.34 22.08
N ALA A 195 -2.53 -4.07 22.08
CA ALA A 195 -2.54 -3.27 23.30
C ALA A 195 -3.93 -3.33 23.92
N SER A 196 -4.95 -3.15 23.08
CA SER A 196 -6.32 -3.23 23.57
C SER A 196 -7.29 -3.62 22.45
N PHE A 197 -8.25 -4.49 22.77
CA PHE A 197 -9.24 -4.94 21.79
C PHE A 197 -10.42 -3.98 21.66
N ASN A 198 -11.05 -4.00 20.50
CA ASN A 198 -12.26 -3.24 20.24
C ASN A 198 -13.38 -4.19 19.81
N THR A 199 -14.62 -3.74 19.91
CA THR A 199 -15.76 -4.54 19.46
C THR A 199 -16.17 -4.12 18.06
N LEU A 200 -15.93 -5.00 17.10
CA LEU A 200 -16.32 -4.74 15.71
C LEU A 200 -17.71 -5.30 15.49
N GLN A 201 -18.61 -4.47 14.95
CA GLN A 201 -19.96 -4.91 14.62
C GLN A 201 -20.24 -4.63 13.16
N LEU A 202 -20.47 -5.70 12.40
CA LEU A 202 -20.82 -5.56 10.99
C LEU A 202 -22.21 -6.12 10.75
N GLY A 203 -22.88 -5.62 9.73
CA GLY A 203 -24.20 -6.11 9.36
C GLY A 203 -24.40 -5.99 7.86
N GLU A 204 -25.31 -5.12 7.46
CA GLU A 204 -25.58 -4.90 6.05
C GLU A 204 -24.35 -4.38 5.29
N ARG A 205 -24.25 -4.79 4.04
CA ARG A 205 -23.12 -4.38 3.21
C ARG A 205 -23.16 -2.91 2.84
N GLY A 206 -24.35 -2.38 2.60
CA GLY A 206 -24.47 -1.05 2.06
C GLY A 206 -24.24 -1.01 0.56
N ASN A 207 -24.14 0.21 0.02
CA ASN A 207 -24.05 0.43 -1.42
C ASN A 207 -22.69 0.05 -1.99
N ILE A 208 -22.65 -0.25 -3.29
CA ILE A 208 -21.38 -0.44 -3.98
C ILE A 208 -20.70 0.90 -4.17
N VAL A 209 -19.41 0.96 -3.85
CA VAL A 209 -18.59 2.14 -4.16
C VAL A 209 -17.80 1.90 -5.45
N GLN A 210 -17.15 0.75 -5.57
CA GLN A 210 -16.58 0.35 -6.84
C GLN A 210 -16.30 -1.13 -6.91
N MET A 211 -16.25 -1.65 -8.14
CA MET A 211 -15.82 -3.01 -8.41
C MET A 211 -14.46 -2.93 -9.08
N ARG A 212 -13.56 -3.78 -8.62
CA ARG A 212 -12.22 -3.82 -9.18
C ARG A 212 -11.88 -5.23 -9.63
N GLY A 213 -11.65 -5.39 -10.94
CA GLY A 213 -11.33 -6.68 -11.50
C GLY A 213 -9.82 -6.81 -11.71
N GLU A 214 -9.30 -8.01 -11.50
CA GLU A 214 -7.87 -8.26 -11.57
C GLU A 214 -7.57 -9.61 -12.18
N VAL A 215 -6.53 -9.66 -13.00
CA VAL A 215 -6.01 -10.95 -13.42
C VAL A 215 -4.53 -11.02 -13.15
N LEU A 216 -4.07 -12.15 -12.62
CA LEU A 216 -2.64 -12.44 -12.62
C LEU A 216 -2.34 -13.54 -13.63
N LEU A 217 -1.22 -13.38 -14.34
CA LEU A 217 -0.70 -14.40 -15.26
C LEU A 217 0.79 -14.65 -15.02
N ALA A 218 1.19 -15.91 -15.12
CA ALA A 218 2.60 -16.28 -15.19
C ALA A 218 2.76 -17.48 -16.08
N GLY A 219 3.50 -17.33 -17.18
CA GLY A 219 3.73 -18.44 -18.09
C GLY A 219 2.45 -18.84 -18.79
N VAL A 220 1.54 -17.89 -18.94
CA VAL A 220 0.28 -18.12 -19.63
C VAL A 220 0.04 -16.96 -20.62
N PRO A 221 -0.54 -17.26 -21.80
CA PRO A 221 -0.69 -16.25 -22.85
C PRO A 221 -1.48 -15.04 -22.39
N ARG A 222 -1.13 -13.86 -22.86
CA ARG A 222 -1.74 -12.62 -22.39
C ARG A 222 -3.21 -12.50 -22.80
N HIS A 223 -3.59 -13.12 -23.91
CA HIS A 223 -5.00 -13.07 -24.31
C HIS A 223 -5.88 -13.71 -23.24
N VAL A 224 -5.32 -14.60 -22.44
CA VAL A 224 -6.10 -15.22 -21.37
C VAL A 224 -6.61 -14.18 -20.35
N ALA A 225 -5.76 -13.24 -19.98
CA ALA A 225 -6.18 -12.18 -19.07
C ALA A 225 -7.21 -11.27 -19.72
N GLU A 226 -6.97 -10.93 -20.98
CA GLU A 226 -7.90 -10.05 -21.67
C GLU A 226 -9.29 -10.67 -21.72
N ARG A 227 -9.34 -11.96 -21.99
CA ARG A 227 -10.63 -12.64 -22.05
C ARG A 227 -11.31 -12.71 -20.68
N GLU A 228 -10.53 -12.87 -19.62
CA GLU A 228 -11.08 -12.97 -18.28
C GLU A 228 -11.67 -11.63 -17.83
N ILE A 229 -10.93 -10.55 -18.06
CA ILE A 229 -11.43 -9.23 -17.80
C ILE A 229 -12.68 -8.95 -18.62
N ALA A 230 -12.69 -9.41 -19.88
CA ALA A 230 -13.86 -9.17 -20.72
C ALA A 230 -15.08 -9.87 -20.15
N THR A 231 -14.90 -11.11 -19.74
CA THR A 231 -16.00 -11.84 -19.12
C THR A 231 -16.52 -11.13 -17.87
N LEU A 232 -15.61 -10.67 -17.00
CA LEU A 232 -16.06 -9.94 -15.82
C LEU A 232 -16.89 -8.72 -16.21
N ALA A 233 -16.39 -7.97 -17.18
CA ALA A 233 -17.03 -6.76 -17.66
C ALA A 233 -18.40 -7.10 -18.24
N GLY A 234 -18.53 -8.33 -18.71
CA GLY A 234 -19.80 -8.80 -19.24
C GLY A 234 -20.89 -8.79 -18.21
N SER A 235 -20.50 -8.96 -16.95
CA SER A 235 -21.49 -9.11 -15.88
C SER A 235 -21.50 -7.95 -14.89
N PHE A 236 -20.39 -7.20 -14.83
CA PHE A 236 -20.28 -6.11 -13.86
C PHE A 236 -19.70 -4.87 -14.51
N SER A 237 -20.12 -3.71 -14.03
CA SER A 237 -19.43 -2.49 -14.40
C SER A 237 -18.14 -2.42 -13.57
N LEU A 238 -16.98 -2.52 -14.21
CA LEU A 238 -15.72 -2.51 -13.48
C LEU A 238 -15.11 -1.11 -13.45
N HIS A 239 -15.07 -0.50 -12.27
CA HIS A 239 -14.49 0.82 -12.16
C HIS A 239 -12.97 0.76 -12.28
N GLU A 240 -12.40 -0.38 -11.91
CA GLU A 240 -10.96 -0.54 -11.99
C GLU A 240 -10.65 -1.91 -12.56
N GLN A 241 -9.61 -1.97 -13.38
CA GLN A 241 -9.23 -3.25 -13.97
C GLN A 241 -7.73 -3.33 -14.05
N ASN A 242 -7.21 -4.48 -13.64
CA ASN A 242 -5.77 -4.65 -13.53
C ASN A 242 -5.38 -5.98 -14.15
N ILE A 243 -4.30 -5.96 -14.94
CA ILE A 243 -3.69 -7.19 -15.44
C ILE A 243 -2.20 -7.18 -15.10
N HIS A 244 -1.74 -8.24 -14.44
CA HIS A 244 -0.35 -8.27 -13.99
C HIS A 244 0.30 -9.56 -14.52
N ASN A 245 1.24 -9.37 -15.42
CA ASN A 245 2.00 -10.48 -16.00
CA ASN A 245 2.00 -10.48 -16.01
C ASN A 245 3.28 -10.70 -15.20
N LEU A 246 3.41 -11.86 -14.58
CA LEU A 246 4.53 -12.12 -13.70
C LEU A 246 5.54 -13.02 -14.38
N PRO A 247 6.77 -13.01 -13.88
CA PRO A 247 7.83 -13.86 -14.44
C PRO A 247 7.35 -15.30 -14.60
N ARG A 248 7.58 -15.85 -15.79
CA ARG A 248 7.20 -17.21 -16.14
C ARG A 248 7.55 -18.28 -15.10
N ASP A 249 8.74 -18.20 -14.51
CA ASP A 249 9.18 -19.21 -13.55
C ASP A 249 8.31 -19.26 -12.29
N GLN A 250 7.57 -18.18 -12.04
CA GLN A 250 6.67 -18.17 -10.89
C GLN A 250 5.38 -18.97 -11.16
N GLY A 251 5.16 -19.30 -12.44
CA GLY A 251 4.03 -20.09 -12.86
C GLY A 251 4.46 -21.46 -13.37
N PRO A 252 3.67 -22.06 -14.26
CA PRO A 252 2.46 -21.51 -14.88
C PRO A 252 1.38 -21.22 -13.84
N GLY A 253 0.63 -20.13 -14.02
CA GLY A 253 -0.41 -19.77 -13.08
C GLY A 253 -1.32 -18.69 -13.63
N ASN A 254 -2.56 -18.70 -13.16
CA ASN A 254 -3.57 -17.74 -13.57
C ASN A 254 -4.65 -17.65 -12.51
N THR A 255 -4.84 -16.47 -11.95
CA THR A 255 -5.96 -16.25 -11.04
C THR A 255 -6.76 -15.03 -11.49
N VAL A 256 -8.04 -15.01 -11.17
CA VAL A 256 -8.89 -13.89 -11.52
C VAL A 256 -9.57 -13.47 -10.22
N SER A 257 -9.60 -12.18 -9.95
CA SER A 257 -10.20 -11.71 -8.71
C SER A 257 -11.13 -10.56 -8.97
N LEU A 258 -12.03 -10.38 -8.03
CA LEU A 258 -12.96 -9.27 -8.07
CA LEU A 258 -12.94 -9.26 -8.08
C LEU A 258 -13.04 -8.70 -6.67
N GLU A 259 -12.68 -7.43 -6.52
CA GLU A 259 -12.78 -6.73 -5.26
C GLU A 259 -14.08 -5.92 -5.26
N VAL A 260 -14.92 -6.15 -4.25
CA VAL A 260 -16.16 -5.40 -4.12
C VAL A 260 -16.00 -4.42 -2.96
N GLU A 261 -15.75 -3.16 -3.29
CA GLU A 261 -15.68 -2.10 -2.28
C GLU A 261 -17.06 -1.52 -2.05
N SER A 262 -17.58 -1.71 -0.84
CA SER A 262 -18.92 -1.23 -0.49
C SER A 262 -18.82 -0.19 0.62
N GLU A 263 -19.92 0.51 0.90
CA GLU A 263 -19.93 1.48 1.99
C GLU A 263 -19.38 0.90 3.27
N ASN A 264 -19.82 -0.30 3.62
CA ASN A 264 -19.53 -0.83 4.94
C ASN A 264 -18.37 -1.82 5.04
N ILE A 265 -17.84 -2.24 3.90
CA ILE A 265 -16.78 -3.25 3.92
C ILE A 265 -16.16 -3.36 2.56
N THR A 266 -14.92 -3.82 2.50
CA THR A 266 -14.37 -4.28 1.23
C THR A 266 -14.26 -5.78 1.27
N GLU A 267 -14.77 -6.45 0.23
CA GLU A 267 -14.62 -7.90 0.12
C GLU A 267 -13.88 -8.24 -1.14
N ARG A 268 -13.39 -9.47 -1.22
CA ARG A 268 -12.63 -9.94 -2.37
C ARG A 268 -12.90 -11.39 -2.62
N PHE A 269 -13.08 -11.73 -3.91
CA PHE A 269 -13.32 -13.09 -4.36
C PHE A 269 -12.34 -13.41 -5.47
N PHE A 270 -11.89 -14.65 -5.51
CA PHE A 270 -10.94 -15.07 -6.52
C PHE A 270 -11.14 -16.51 -6.92
N VAL A 271 -10.70 -16.83 -8.13
CA VAL A 271 -10.71 -18.19 -8.64
CA VAL A 271 -10.70 -18.19 -8.63
C VAL A 271 -9.34 -18.51 -9.23
N VAL A 272 -8.92 -19.75 -9.08
CA VAL A 272 -7.65 -20.19 -9.64
C VAL A 272 -7.93 -20.87 -10.97
N GLY A 273 -7.33 -20.33 -12.02
CA GLY A 273 -7.42 -20.92 -13.35
C GLY A 273 -6.92 -22.34 -13.41
N GLU A 274 -7.71 -23.21 -14.04
CA GLU A 274 -7.37 -24.62 -14.13
C GLU A 274 -6.75 -24.93 -15.48
N LYS A 275 -6.20 -26.13 -15.61
CA LYS A 275 -5.47 -26.51 -16.82
C LYS A 275 -6.32 -26.52 -18.09
N ARG A 276 -7.42 -27.25 -18.07
CA ARG A 276 -8.22 -27.47 -19.28
C ARG A 276 -9.51 -26.65 -19.28
N VAL A 277 -9.50 -25.55 -18.53
CA VAL A 277 -10.68 -24.70 -18.43
C VAL A 277 -10.48 -23.40 -19.19
N SER A 278 -11.41 -23.09 -20.10
CA SER A 278 -11.26 -21.88 -20.91
C SER A 278 -11.25 -20.66 -20.01
N ALA A 279 -10.63 -19.59 -20.52
CA ALA A 279 -10.57 -18.34 -19.77
C ALA A 279 -11.97 -17.90 -19.37
N GLU A 280 -12.91 -18.03 -20.31
CA GLU A 280 -14.28 -17.56 -20.10
C GLU A 280 -14.96 -18.32 -18.97
N VAL A 281 -14.69 -19.62 -18.90
CA VAL A 281 -15.29 -20.45 -17.87
C VAL A 281 -14.71 -20.14 -16.49
N VAL A 282 -13.40 -19.88 -16.44
CA VAL A 282 -12.74 -19.54 -15.18
C VAL A 282 -13.37 -18.28 -14.62
N ALA A 283 -13.51 -17.28 -15.46
CA ALA A 283 -14.07 -16.00 -15.07
C ALA A 283 -15.55 -16.18 -14.69
N ALA A 284 -16.23 -17.08 -15.39
CA ALA A 284 -17.64 -17.37 -15.11
C ALA A 284 -17.84 -17.90 -13.68
N GLN A 285 -16.94 -18.77 -13.23
CA GLN A 285 -16.99 -19.28 -11.87
C GLN A 285 -16.92 -18.14 -10.84
N LEU A 286 -16.08 -17.15 -11.12
CA LEU A 286 -15.92 -16.01 -10.22
C LEU A 286 -17.15 -15.11 -10.25
N VAL A 287 -17.71 -14.90 -11.44
CA VAL A 287 -18.92 -14.10 -11.59
C VAL A 287 -20.06 -14.72 -10.77
N LYS A 288 -20.22 -16.03 -10.88
CA LYS A 288 -21.25 -16.73 -10.10
C LYS A 288 -21.05 -16.53 -8.60
N GLU A 289 -19.82 -16.69 -8.13
CA GLU A 289 -19.49 -16.51 -6.73
C GLU A 289 -19.84 -15.10 -6.24
N VAL A 290 -19.48 -14.09 -7.02
CA VAL A 290 -19.72 -12.72 -6.63
C VAL A 290 -21.22 -12.40 -6.64
N LYS A 291 -21.93 -12.94 -7.60
CA LYS A 291 -23.37 -12.68 -7.65
C LYS A 291 -24.06 -13.30 -6.44
N ARG A 292 -23.60 -14.46 -6.04
CA ARG A 292 -24.15 -15.13 -4.88
C ARG A 292 -23.95 -14.28 -3.63
N TYR A 293 -22.78 -13.65 -3.50
CA TYR A 293 -22.50 -12.71 -2.40
C TYR A 293 -23.42 -11.50 -2.48
N LEU A 294 -23.55 -10.93 -3.68
CA LEU A 294 -24.39 -9.76 -3.85
C LEU A 294 -25.91 -10.03 -3.73
N ALA A 295 -26.29 -11.29 -3.87
CA ALA A 295 -27.70 -11.70 -3.77
C ALA A 295 -28.18 -11.72 -2.32
N SER A 296 -27.26 -11.52 -1.39
CA SER A 296 -27.61 -11.43 0.02
C SER A 296 -27.24 -10.04 0.54
N THR A 297 -27.81 -9.64 1.67
CA THR A 297 -27.56 -8.32 2.21
C THR A 297 -26.22 -8.20 2.96
N ALA A 298 -25.62 -9.32 3.35
CA ALA A 298 -24.51 -9.28 4.29
C ALA A 298 -23.21 -8.66 3.74
N ALA A 299 -22.49 -7.98 4.62
CA ALA A 299 -21.20 -7.40 4.28
C ALA A 299 -20.14 -8.50 4.24
N VAL A 300 -20.08 -9.28 5.32
CA VAL A 300 -19.10 -10.34 5.43
C VAL A 300 -19.45 -11.51 4.51
N GLY A 301 -18.47 -11.95 3.73
CA GLY A 301 -18.67 -13.05 2.80
C GLY A 301 -18.35 -14.38 3.44
N GLU A 302 -18.54 -15.45 2.68
CA GLU A 302 -18.45 -16.81 3.18
C GLU A 302 -17.11 -17.13 3.85
N TYR A 303 -16.00 -16.69 3.26
CA TYR A 303 -14.68 -17.07 3.75
C TYR A 303 -14.21 -16.17 4.88
N LEU A 304 -14.39 -14.88 4.71
CA LEU A 304 -14.06 -13.90 5.74
C LEU A 304 -14.73 -14.27 7.07
N ALA A 305 -15.94 -14.82 7.01
CA ALA A 305 -16.65 -15.19 8.23
C ALA A 305 -15.80 -16.08 9.12
N ASP A 306 -15.19 -17.11 8.53
CA ASP A 306 -14.48 -18.07 9.36
C ASP A 306 -13.19 -17.50 9.92
N GLN A 307 -12.68 -16.45 9.26
CA GLN A 307 -11.42 -15.83 9.68
C GLN A 307 -11.60 -14.70 10.70
N LEU A 308 -12.85 -14.33 10.97
CA LEU A 308 -13.13 -13.30 11.98
C LEU A 308 -13.43 -13.86 13.36
N VAL A 309 -13.84 -15.12 13.43
CA VAL A 309 -14.24 -15.75 14.66
CA VAL A 309 -14.25 -15.71 14.68
C VAL A 309 -13.16 -15.74 15.76
N LEU A 310 -11.96 -16.09 15.39
CA LEU A 310 -10.88 -16.11 16.36
C LEU A 310 -10.57 -14.72 16.91
N PRO A 311 -10.30 -13.74 16.03
CA PRO A 311 -9.97 -12.42 16.59
C PRO A 311 -11.13 -11.80 17.37
N MET A 312 -12.37 -12.01 16.94
CA MET A 312 -13.50 -11.50 17.74
C MET A 312 -13.63 -12.22 19.09
N ALA A 313 -13.41 -13.53 19.10
CA ALA A 313 -13.49 -14.29 20.35
C ALA A 313 -12.44 -13.77 21.34
N LEU A 314 -11.27 -13.43 20.83
CA LEU A 314 -10.19 -12.94 21.69
C LEU A 314 -10.52 -11.55 22.21
N ALA A 315 -11.21 -10.77 21.39
CA ALA A 315 -11.70 -9.45 21.81
C ALA A 315 -12.83 -9.55 22.82
N GLY A 316 -13.42 -10.72 22.96
CA GLY A 316 -14.52 -10.94 23.91
C GLY A 316 -15.87 -10.48 23.41
N ALA A 317 -15.88 -9.87 22.22
CA ALA A 317 -17.13 -9.34 21.66
C ALA A 317 -17.01 -9.00 20.18
N GLY A 318 -18.15 -8.84 19.53
CA GLY A 318 -18.19 -8.54 18.10
C GLY A 318 -19.33 -9.29 17.44
N GLU A 319 -19.71 -8.85 16.25
CA GLU A 319 -20.73 -9.56 15.48
C GLU A 319 -20.61 -9.27 13.99
N PHE A 320 -21.17 -10.15 13.19
CA PHE A 320 -21.37 -9.88 11.78
C PHE A 320 -22.52 -10.73 11.29
N THR A 321 -23.00 -10.38 10.11
CA THR A 321 -23.97 -11.20 9.42
C THR A 321 -23.30 -11.88 8.23
N VAL A 322 -23.70 -13.11 7.95
CA VAL A 322 -23.18 -13.83 6.80
C VAL A 322 -24.32 -14.60 6.14
N ALA A 323 -24.32 -14.64 4.81
CA ALA A 323 -25.39 -15.29 4.07
C ALA A 323 -25.40 -16.79 4.30
N HIS A 324 -24.23 -17.42 4.24
CA HIS A 324 -24.15 -18.85 4.44
CA HIS A 324 -24.13 -18.86 4.40
C HIS A 324 -23.03 -19.26 5.38
N PRO A 325 -23.39 -19.55 6.65
CA PRO A 325 -22.40 -20.08 7.58
C PRO A 325 -21.82 -21.37 7.02
N SER A 326 -20.51 -21.38 6.84
CA SER A 326 -19.87 -22.54 6.24
C SER A 326 -19.51 -23.60 7.26
N SER A 327 -19.17 -24.78 6.76
CA SER A 327 -18.69 -25.86 7.61
C SER A 327 -17.46 -25.38 8.40
N ASN A 328 -16.60 -24.61 7.74
CA ASN A 328 -15.38 -24.12 8.37
C ASN A 328 -15.66 -23.12 9.47
N LEU A 329 -16.66 -22.29 9.26
CA LEU A 329 -17.09 -21.31 10.25
C LEU A 329 -17.54 -22.02 11.52
N LEU A 330 -18.34 -23.07 11.36
CA LEU A 330 -18.84 -23.80 12.51
C LEU A 330 -17.74 -24.57 13.22
N THR A 331 -16.82 -25.13 12.44
CA THR A 331 -15.66 -25.81 13.00
C THR A 331 -14.83 -24.85 13.85
N ASN A 332 -14.58 -23.68 13.30
CA ASN A 332 -13.79 -22.70 14.03
C ASN A 332 -14.47 -22.25 15.32
N ILE A 333 -15.77 -21.99 15.25
CA ILE A 333 -16.54 -21.65 16.42
C ILE A 333 -16.38 -22.70 17.52
N ALA A 334 -16.56 -23.97 17.18
CA ALA A 334 -16.45 -25.06 18.13
C ALA A 334 -15.09 -25.14 18.82
N VAL A 335 -14.01 -25.03 18.04
CA VAL A 335 -12.67 -25.10 18.64
C VAL A 335 -12.42 -23.91 19.54
N VAL A 336 -12.76 -22.73 19.06
CA VAL A 336 -12.60 -21.52 19.85
C VAL A 336 -13.32 -21.65 21.19
N GLU A 337 -14.55 -22.16 21.17
CA GLU A 337 -15.30 -22.27 22.41
C GLU A 337 -14.70 -23.28 23.37
N ARG A 338 -13.87 -24.19 22.85
CA ARG A 338 -13.18 -25.17 23.68
C ARG A 338 -12.03 -24.52 24.45
N PHE A 339 -11.43 -23.49 23.89
CA PHE A 339 -10.26 -22.86 24.50
C PHE A 339 -10.60 -21.61 25.29
N LEU A 340 -11.70 -20.95 24.93
CA LEU A 340 -12.07 -19.67 25.53
C LEU A 340 -13.50 -19.72 26.05
N PRO A 341 -13.75 -19.11 27.20
CA PRO A 341 -15.09 -19.11 27.80
C PRO A 341 -16.04 -18.17 27.07
N VAL A 342 -16.01 -18.20 25.74
CA VAL A 342 -16.93 -17.38 24.96
CA VAL A 342 -16.93 -17.38 24.96
C VAL A 342 -18.04 -18.26 24.40
N ARG A 343 -19.16 -17.66 24.02
CA ARG A 343 -20.21 -18.43 23.39
C ARG A 343 -20.73 -17.68 22.18
N PHE A 344 -20.71 -18.32 21.03
CA PHE A 344 -21.26 -17.73 19.81
C PHE A 344 -22.76 -17.96 19.69
N SER A 345 -23.49 -16.91 19.36
CA SER A 345 -24.88 -17.04 18.97
C SER A 345 -24.93 -16.96 17.45
N LEU A 346 -25.70 -17.87 16.84
CA LEU A 346 -25.93 -17.84 15.40
C LEU A 346 -27.41 -17.82 15.11
N ILE A 347 -27.95 -16.64 14.87
CA ILE A 347 -29.40 -16.48 14.71
C ILE A 347 -29.71 -16.19 13.26
N GLU A 348 -30.37 -17.15 12.62
CA GLU A 348 -30.68 -17.00 11.20
C GLU A 348 -32.13 -16.57 11.01
N THR A 349 -32.31 -15.50 10.24
CA THR A 349 -33.64 -15.16 9.73
C THR A 349 -33.50 -14.59 8.33
N ASP A 350 -34.48 -14.88 7.48
CA ASP A 350 -34.49 -14.37 6.13
C ASP A 350 -33.21 -14.71 5.37
N GLY A 351 -32.67 -15.90 5.63
CA GLY A 351 -31.53 -16.39 4.87
C GLY A 351 -30.24 -15.63 5.15
N VAL A 352 -30.21 -14.91 6.27
CA VAL A 352 -28.99 -14.29 6.75
CA VAL A 352 -28.97 -14.27 6.75
C VAL A 352 -28.76 -14.60 8.23
N THR A 353 -27.56 -15.07 8.56
CA THR A 353 -27.22 -15.45 9.91
C THR A 353 -26.41 -14.35 10.59
N ARG A 354 -26.88 -13.93 11.77
CA ARG A 354 -26.12 -13.02 12.61
C ARG A 354 -25.26 -13.84 13.55
N VAL A 355 -23.95 -13.64 13.46
CA VAL A 355 -23.01 -14.36 14.29
C VAL A 355 -22.52 -13.36 15.32
N SER A 356 -22.72 -13.68 16.60
CA SER A 356 -22.32 -12.77 17.66
C SER A 356 -21.55 -13.49 18.75
N ILE A 357 -20.46 -12.87 19.20
CA ILE A 357 -19.65 -13.37 20.32
C ILE A 357 -20.33 -12.90 21.59
N GLU A 358 -21.06 -13.82 22.24
CA GLU A 358 -22.06 -13.48 23.27
C GLU A 358 -21.83 -12.18 24.02
N ARG B 23 20.70 36.00 12.15
CA ARG B 23 20.81 36.89 11.00
C ARG B 23 19.60 36.74 10.07
N MET B 24 19.65 37.42 8.92
CA MET B 24 18.54 37.40 7.98
C MET B 24 19.00 37.03 6.57
N ILE B 25 18.44 35.94 6.04
CA ILE B 25 18.82 35.47 4.71
C ILE B 25 18.04 36.18 3.61
N ALA B 26 18.75 36.92 2.76
CA ALA B 26 18.11 37.64 1.68
C ALA B 26 18.09 36.79 0.42
N LEU B 27 16.90 36.54 -0.09
CA LEU B 27 16.73 35.70 -1.27
C LEU B 27 16.11 36.52 -2.39
N ASP B 28 16.55 36.26 -3.62
N ASP B 28 16.51 36.25 -3.62
CA ASP B 28 16.08 37.01 -4.79
CA ASP B 28 16.08 37.05 -4.75
C ASP B 28 15.26 36.13 -5.72
C ASP B 28 15.22 36.19 -5.67
N GLY B 29 14.04 36.57 -6.00
N GLY B 29 13.99 36.64 -5.94
CA GLY B 29 13.16 35.84 -6.89
CA GLY B 29 13.10 35.92 -6.82
C GLY B 29 13.13 36.44 -8.29
C GLY B 29 13.19 36.39 -8.27
N ALA B 30 14.11 37.29 -8.58
N ALA B 30 14.07 37.35 -8.51
CA ALA B 30 14.18 37.96 -9.87
CA ALA B 30 14.17 37.95 -9.84
C ALA B 30 14.40 36.96 -11.00
C ALA B 30 14.37 36.95 -10.98
N GLN B 31 15.19 35.92 -10.74
CA GLN B 31 15.54 34.95 -11.79
C GLN B 31 14.53 33.79 -11.92
N GLY B 32 13.44 33.85 -11.18
CA GLY B 32 12.40 32.84 -11.28
C GLY B 32 12.23 31.99 -10.02
N GLU B 33 11.05 31.37 -9.91
CA GLU B 33 10.72 30.50 -8.78
C GLU B 33 10.59 31.22 -7.44
N GLY B 34 10.45 32.53 -7.47
CA GLY B 34 10.30 33.33 -6.26
C GLY B 34 9.09 32.96 -5.42
N GLY B 35 8.00 32.60 -6.08
CA GLY B 35 6.82 32.11 -5.39
C GLY B 35 6.71 30.59 -5.45
N GLY B 36 7.62 29.98 -6.20
CA GLY B 36 7.60 28.55 -6.42
C GLY B 36 8.63 27.76 -5.62
N GLN B 37 9.60 27.19 -6.33
CA GLN B 37 10.62 26.40 -5.67
C GLN B 37 11.37 27.18 -4.58
N ILE B 38 11.76 28.42 -4.85
CA ILE B 38 12.54 29.16 -3.85
C ILE B 38 11.74 29.34 -2.58
N LEU B 39 10.47 29.72 -2.75
CA LEU B 39 9.57 29.91 -1.61
C LEU B 39 9.39 28.64 -0.80
N ARG B 40 9.07 27.54 -1.47
CA ARG B 40 8.80 26.29 -0.75
C ARG B 40 10.04 25.77 -0.03
N SER B 41 11.19 25.83 -0.68
CA SER B 41 12.40 25.33 -0.03
C SER B 41 12.87 26.26 1.09
N ALA B 42 12.72 27.57 0.88
CA ALA B 42 13.07 28.54 1.90
C ALA B 42 12.20 28.35 3.15
N LEU B 43 10.92 28.06 2.94
CA LEU B 43 10.03 27.87 4.09
C LEU B 43 10.48 26.65 4.90
N SER B 44 10.73 25.53 4.21
CA SER B 44 11.17 24.31 4.84
C SER B 44 12.45 24.57 5.66
N LEU B 45 13.45 25.09 4.96
CA LEU B 45 14.78 25.26 5.54
C LEU B 45 14.78 26.26 6.70
N SER B 46 14.00 27.32 6.53
CA SER B 46 13.87 28.36 7.55
C SER B 46 13.34 27.73 8.84
N MET B 47 12.30 26.92 8.70
CA MET B 47 11.67 26.28 9.84
C MET B 47 12.61 25.32 10.52
N ILE B 48 13.32 24.53 9.72
CA ILE B 48 14.21 23.52 10.25
C ILE B 48 15.36 24.16 11.00
N THR B 49 15.93 25.21 10.41
CA THR B 49 17.14 25.83 10.94
C THR B 49 16.86 27.02 11.85
N GLY B 50 15.65 27.55 11.81
CA GLY B 50 15.32 28.71 12.62
C GLY B 50 15.84 30.02 12.06
N GLN B 51 16.36 30.00 10.84
CA GLN B 51 16.86 31.21 10.20
C GLN B 51 15.76 31.94 9.43
N PRO B 52 15.52 33.21 9.78
CA PRO B 52 14.56 34.01 9.03
C PRO B 52 15.10 34.30 7.64
N PHE B 53 14.20 34.59 6.71
CA PHE B 53 14.61 35.00 5.38
C PHE B 53 13.62 36.00 4.85
N THR B 54 14.05 36.74 3.84
CA THR B 54 13.17 37.62 3.08
CA THR B 54 13.16 37.61 3.08
C THR B 54 13.38 37.36 1.59
N ILE B 55 12.29 37.22 0.86
CA ILE B 55 12.40 37.08 -0.59
C ILE B 55 11.88 38.36 -1.21
N THR B 56 12.65 38.94 -2.12
CA THR B 56 12.24 40.14 -2.83
C THR B 56 12.07 39.84 -4.32
N SER B 57 11.32 40.70 -5.00
CA SER B 57 11.06 40.58 -6.44
C SER B 57 10.39 39.27 -6.81
N ILE B 58 9.43 38.86 -6.00
CA ILE B 58 8.67 37.64 -6.29
C ILE B 58 7.87 37.78 -7.57
N ARG B 59 8.27 37.04 -8.60
CA ARG B 59 7.53 37.02 -9.86
C ARG B 59 7.26 38.42 -10.44
N ALA B 60 8.25 39.30 -10.35
CA ALA B 60 8.08 40.69 -10.81
C ALA B 60 7.82 40.83 -12.30
N GLY B 61 8.22 39.82 -13.07
CA GLY B 61 8.11 39.88 -14.52
C GLY B 61 6.93 39.13 -15.10
N ARG B 62 5.99 38.73 -14.24
CA ARG B 62 4.77 38.05 -14.66
C ARG B 62 3.58 39.02 -14.73
N ALA B 63 2.72 38.81 -15.72
CA ALA B 63 1.55 39.65 -15.94
C ALA B 63 0.76 39.95 -14.66
N LYS B 64 0.47 38.90 -13.90
CA LYS B 64 -0.09 39.03 -12.56
C LYS B 64 1.03 38.69 -11.57
N PRO B 65 1.78 39.72 -11.14
CA PRO B 65 3.03 39.53 -10.37
C PRO B 65 2.79 39.27 -8.89
N GLY B 66 3.85 38.88 -8.19
CA GLY B 66 3.79 38.74 -6.74
C GLY B 66 3.22 37.41 -6.31
N LEU B 67 2.88 37.30 -5.03
CA LEU B 67 2.34 36.07 -4.49
C LEU B 67 0.95 35.79 -5.03
N LEU B 68 0.72 34.56 -5.48
CA LEU B 68 -0.62 34.16 -5.90
C LEU B 68 -1.24 33.38 -4.75
N ARG B 69 -2.54 33.08 -4.85
CA ARG B 69 -3.23 32.46 -3.71
C ARG B 69 -2.56 31.17 -3.25
N GLN B 70 -2.20 30.31 -4.21
CA GLN B 70 -1.53 29.05 -3.90
C GLN B 70 -0.24 29.28 -3.11
N HIS B 71 0.42 30.39 -3.40
CA HIS B 71 1.64 30.74 -2.69
C HIS B 71 1.33 31.14 -1.26
N LEU B 72 0.27 31.92 -1.08
CA LEU B 72 -0.10 32.38 0.25
C LEU B 72 -0.54 31.21 1.10
N THR B 73 -1.26 30.26 0.49
CA THR B 73 -1.67 29.06 1.23
C THR B 73 -0.46 28.31 1.77
N ALA B 74 0.62 28.30 1.00
CA ALA B 74 1.83 27.60 1.42
C ALA B 74 2.49 28.35 2.57
N VAL B 75 2.52 29.68 2.48
CA VAL B 75 3.08 30.50 3.57
C VAL B 75 2.26 30.32 4.84
N LYS B 76 0.94 30.38 4.72
CA LYS B 76 0.09 30.26 5.89
C LYS B 76 0.25 28.89 6.57
N ALA B 77 0.39 27.86 5.75
CA ALA B 77 0.61 26.51 6.26
C ALA B 77 1.92 26.40 7.05
N ALA B 78 3.01 26.93 6.49
CA ALA B 78 4.29 26.96 7.18
C ALA B 78 4.16 27.74 8.49
N THR B 79 3.53 28.90 8.41
CA THR B 79 3.25 29.72 9.58
C THR B 79 2.58 28.94 10.72
N GLU B 80 1.59 28.12 10.40
CA GLU B 80 0.88 27.36 11.43
C GLU B 80 1.82 26.37 12.11
N ILE B 81 2.66 25.74 11.30
CA ILE B 81 3.52 24.67 11.80
C ILE B 81 4.64 25.13 12.74
N CYS B 82 5.06 26.39 12.62
CA CYS B 82 6.16 26.87 13.45
C CYS B 82 5.85 28.18 14.16
N GLY B 83 4.59 28.61 14.15
CA GLY B 83 4.22 29.86 14.79
C GLY B 83 5.00 31.06 14.29
N ALA B 84 5.14 31.15 12.98
CA ALA B 84 5.97 32.20 12.39
C ALA B 84 5.36 33.59 12.47
N THR B 85 6.23 34.60 12.42
CA THR B 85 5.83 35.99 12.21
C THR B 85 6.11 36.31 10.75
N VAL B 86 5.17 36.94 10.05
CA VAL B 86 5.37 37.21 8.64
CA VAL B 86 5.35 37.20 8.63
C VAL B 86 5.07 38.66 8.26
N GLU B 87 5.74 39.14 7.22
CA GLU B 87 5.46 40.46 6.65
C GLU B 87 5.32 40.26 5.15
N GLY B 88 4.30 40.88 4.58
CA GLY B 88 4.12 40.87 3.14
C GLY B 88 3.41 39.65 2.60
N ALA B 89 2.79 38.87 3.47
CA ALA B 89 2.06 37.69 2.98
C ALA B 89 0.68 38.11 2.49
N GLU B 90 0.63 38.80 1.36
CA GLU B 90 -0.63 39.19 0.75
C GLU B 90 -0.58 39.00 -0.75
N LEU B 91 -1.75 38.90 -1.36
CA LEU B 91 -1.85 38.68 -2.80
C LEU B 91 -1.19 39.80 -3.59
N GLY B 92 -0.34 39.43 -4.54
CA GLY B 92 0.38 40.41 -5.34
C GLY B 92 1.64 40.99 -4.70
N SER B 93 1.88 40.68 -3.43
CA SER B 93 3.09 41.15 -2.76
C SER B 93 4.34 40.59 -3.43
N GLN B 94 5.33 41.44 -3.66
CA GLN B 94 6.58 40.96 -4.23
C GLN B 94 7.67 40.84 -3.18
N ARG B 95 7.29 41.12 -1.94
CA ARG B 95 8.22 41.00 -0.83
C ARG B 95 7.64 40.16 0.32
N LEU B 96 8.37 39.14 0.74
CA LEU B 96 7.96 38.30 1.86
C LEU B 96 9.07 38.14 2.89
N LEU B 97 8.74 38.48 4.13
CA LEU B 97 9.63 38.23 5.26
C LEU B 97 9.02 37.16 6.13
N PHE B 98 9.83 36.18 6.52
CA PHE B 98 9.38 35.02 7.28
C PHE B 98 10.33 34.76 8.45
N ARG B 99 9.80 34.87 9.66
CA ARG B 99 10.60 34.59 10.85
CA ARG B 99 10.60 34.59 10.85
C ARG B 99 9.95 33.42 11.58
N PRO B 100 10.57 32.24 11.49
CA PRO B 100 10.00 31.02 12.07
C PRO B 100 10.04 31.01 13.59
N GLY B 101 9.01 30.44 14.20
CA GLY B 101 9.07 30.12 15.61
C GLY B 101 9.43 28.66 15.74
N THR B 102 8.95 28.01 16.78
CA THR B 102 9.29 26.61 17.05
C THR B 102 8.41 25.63 16.27
N VAL B 103 9.04 24.72 15.53
CA VAL B 103 8.29 23.70 14.82
C VAL B 103 7.57 22.82 15.82
N ARG B 104 6.32 22.50 15.54
CA ARG B 104 5.59 21.59 16.41
C ARG B 104 4.77 20.60 15.61
N GLY B 105 4.84 19.33 16.03
CA GLY B 105 4.13 18.25 15.36
C GLY B 105 2.66 18.26 15.72
N GLY B 106 1.89 17.40 15.06
CA GLY B 106 0.49 17.26 15.37
C GLY B 106 -0.34 16.97 14.14
N ASP B 107 -1.63 17.30 14.23
CA ASP B 107 -2.59 17.05 13.17
C ASP B 107 -2.92 18.34 12.46
N TYR B 108 -2.57 18.43 11.18
CA TYR B 108 -2.78 19.65 10.42
C TYR B 108 -3.69 19.37 9.24
N ARG B 109 -4.49 20.38 8.88
CA ARG B 109 -5.37 20.30 7.74
C ARG B 109 -5.29 21.63 7.01
N PHE B 110 -4.81 21.59 5.78
CA PHE B 110 -4.71 22.81 4.99
C PHE B 110 -5.63 22.68 3.77
N ALA B 111 -6.07 23.82 3.24
CA ALA B 111 -6.94 23.82 2.06
C ALA B 111 -6.39 24.80 1.03
N ILE B 112 -5.99 24.26 -0.11
CA ILE B 112 -5.40 25.13 -1.12
C ILE B 112 -6.41 25.33 -2.27
N GLY B 113 -7.43 24.46 -2.30
CA GLY B 113 -8.50 24.60 -3.27
C GLY B 113 -8.04 24.39 -4.69
N SER B 114 -8.88 24.80 -5.64
CA SER B 114 -8.57 24.63 -7.05
C SER B 114 -7.39 25.50 -7.46
N ALA B 115 -7.08 26.50 -6.64
CA ALA B 115 -6.01 27.44 -6.98
C ALA B 115 -4.63 26.82 -6.93
N GLY B 116 -4.48 25.71 -6.21
CA GLY B 116 -3.17 25.13 -5.99
C GLY B 116 -3.12 23.62 -6.00
N SER B 117 -1.96 23.09 -5.61
CA SER B 117 -1.72 21.65 -5.64
C SER B 117 -1.49 21.10 -4.21
N CYS B 118 -2.26 20.07 -3.86
CA CYS B 118 -2.12 19.43 -2.56
C CYS B 118 -0.68 19.06 -2.28
N THR B 119 0.00 18.45 -3.27
CA THR B 119 1.35 17.91 -3.04
C THR B 119 2.44 18.99 -2.92
N LEU B 120 2.20 20.15 -3.51
CA LEU B 120 3.15 21.25 -3.36
C LEU B 120 3.09 21.80 -1.93
N VAL B 121 1.89 21.80 -1.34
CA VAL B 121 1.77 22.19 0.06
C VAL B 121 2.56 21.20 0.92
N LEU B 122 2.33 19.91 0.68
CA LEU B 122 3.05 18.87 1.38
C LEU B 122 4.58 19.03 1.20
N GLN B 123 5.01 19.29 -0.03
CA GLN B 123 6.44 19.47 -0.26
C GLN B 123 6.99 20.62 0.58
N THR B 124 6.11 21.59 0.85
CA THR B 124 6.51 22.79 1.59
C THR B 124 6.73 22.52 3.07
N VAL B 125 5.78 21.83 3.71
CA VAL B 125 5.81 21.71 5.16
C VAL B 125 6.41 20.40 5.67
N LEU B 126 6.38 19.35 4.86
CA LEU B 126 6.82 18.05 5.35
C LEU B 126 8.26 18.00 5.88
N PRO B 127 9.23 18.63 5.19
CA PRO B 127 10.60 18.58 5.70
C PRO B 127 10.75 19.15 7.10
N ALA B 128 9.93 20.14 7.46
CA ALA B 128 10.01 20.74 8.79
C ALA B 128 9.55 19.72 9.83
N LEU B 129 8.49 19.00 9.49
CA LEU B 129 7.91 18.00 10.38
C LEU B 129 8.82 16.79 10.58
N TRP B 130 9.80 16.59 9.69
CA TRP B 130 10.79 15.55 9.97
C TRP B 130 11.54 15.88 11.26
N PHE B 131 11.52 17.15 11.65
CA PHE B 131 12.29 17.60 12.82
C PHE B 131 11.43 17.96 14.03
N ALA B 132 10.16 17.59 14.00
CA ALA B 132 9.27 17.77 15.14
C ALA B 132 9.67 16.79 16.24
N ASP B 133 9.12 16.98 17.43
CA ASP B 133 9.41 16.06 18.53
C ASP B 133 8.58 14.79 18.40
N GLY B 134 7.39 14.91 17.81
CA GLY B 134 6.50 13.77 17.69
C GLY B 134 5.93 13.60 16.29
N PRO B 135 5.18 12.52 16.07
CA PRO B 135 4.64 12.25 14.73
C PRO B 135 3.59 13.28 14.33
N SER B 136 3.37 13.44 13.02
CA SER B 136 2.39 14.38 12.51
C SER B 136 1.55 13.75 11.41
N ARG B 137 0.39 14.35 11.18
CA ARG B 137 -0.42 14.03 10.02
CA ARG B 137 -0.43 14.03 10.03
C ARG B 137 -0.80 15.32 9.32
N VAL B 138 -0.53 15.39 8.01
CA VAL B 138 -0.88 16.56 7.27
C VAL B 138 -1.87 16.19 6.19
N GLU B 139 -3.02 16.83 6.19
CA GLU B 139 -4.02 16.59 5.17
C GLU B 139 -4.28 17.89 4.43
N VAL B 140 -4.18 17.84 3.11
CA VAL B 140 -4.34 19.02 2.28
C VAL B 140 -5.48 18.76 1.33
N SER B 141 -6.43 19.69 1.25
CA SER B 141 -7.49 19.59 0.26
C SER B 141 -7.22 20.57 -0.87
N GLY B 142 -7.60 20.20 -2.08
CA GLY B 142 -7.37 21.04 -3.23
C GLY B 142 -7.11 20.18 -4.45
N GLY B 143 -6.34 20.72 -5.39
CA GLY B 143 -6.12 20.07 -6.66
C GLY B 143 -5.12 18.96 -6.60
N THR B 144 -5.42 17.90 -7.36
CA THR B 144 -4.52 16.76 -7.54
C THR B 144 -4.31 16.56 -9.04
N ASP B 145 -3.44 15.63 -9.40
CA ASP B 145 -3.19 15.36 -10.81
C ASP B 145 -2.86 16.64 -11.55
N ASN B 146 -2.05 17.47 -10.90
CA ASN B 146 -1.60 18.74 -11.46
C ASN B 146 -0.40 18.50 -12.38
N PRO B 147 -0.37 19.15 -13.54
CA PRO B 147 0.73 18.95 -14.49
C PRO B 147 2.06 19.50 -13.99
N SER B 148 2.02 20.33 -12.96
CA SER B 148 3.23 21.02 -12.48
C SER B 148 3.52 20.73 -11.01
N ALA B 149 3.24 19.50 -10.58
CA ALA B 149 3.46 19.07 -9.20
C ALA B 149 3.74 17.59 -9.18
N PRO B 150 4.32 17.09 -8.08
CA PRO B 150 4.49 15.63 -8.03
C PRO B 150 3.14 14.96 -7.74
N PRO B 151 2.76 13.96 -8.55
CA PRO B 151 1.54 13.19 -8.28
C PRO B 151 1.70 12.45 -6.95
N ALA B 152 0.63 12.33 -6.19
CA ALA B 152 0.71 11.63 -4.90
C ALA B 152 1.39 10.27 -5.03
N ASP B 153 1.03 9.50 -6.06
CA ASP B 153 1.65 8.19 -6.29
C ASP B 153 3.16 8.25 -6.57
N PHE B 154 3.63 9.35 -7.15
CA PHE B 154 5.06 9.56 -7.30
C PHE B 154 5.72 9.73 -5.93
N ILE B 155 5.10 10.55 -5.09
CA ILE B 155 5.62 10.75 -3.75
CA ILE B 155 5.62 10.75 -3.75
C ILE B 155 5.66 9.42 -3.01
N ARG B 156 4.56 8.67 -3.12
CA ARG B 156 4.41 7.40 -2.41
C ARG B 156 5.38 6.36 -2.90
N ARG B 157 5.48 6.23 -4.23
CA ARG B 157 6.15 5.08 -4.82
C ARG B 157 7.57 5.34 -5.33
N VAL B 158 7.93 6.60 -5.46
CA VAL B 158 9.26 6.96 -5.94
C VAL B 158 10.06 7.69 -4.86
N LEU B 159 9.53 8.79 -4.36
CA LEU B 159 10.29 9.58 -3.40
C LEU B 159 10.44 8.89 -2.04
N GLU B 160 9.32 8.40 -1.50
CA GLU B 160 9.29 7.95 -0.11
C GLU B 160 10.15 6.70 0.17
N PRO B 161 10.21 5.76 -0.78
CA PRO B 161 11.16 4.67 -0.56
C PRO B 161 12.62 5.17 -0.49
N LEU B 162 12.93 6.31 -1.10
CA LEU B 162 14.29 6.84 -1.05
C LEU B 162 14.52 7.68 0.19
N LEU B 163 13.50 8.41 0.61
CA LEU B 163 13.55 9.12 1.87
C LEU B 163 13.82 8.09 2.97
N ALA B 164 13.16 6.94 2.89
CA ALA B 164 13.34 5.90 3.90
C ALA B 164 14.81 5.46 3.95
N LYS B 165 15.44 5.36 2.79
CA LYS B 165 16.86 5.01 2.72
C LYS B 165 17.73 6.08 3.37
N ILE B 166 17.27 7.32 3.32
CA ILE B 166 17.99 8.43 3.97
C ILE B 166 17.73 8.48 5.49
N GLY B 167 16.70 7.75 5.94
CA GLY B 167 16.36 7.74 7.35
C GLY B 167 15.11 8.55 7.67
N ILE B 168 14.43 9.00 6.63
CA ILE B 168 13.27 9.86 6.75
C ILE B 168 12.04 9.03 6.45
N HIS B 169 11.08 9.06 7.36
CA HIS B 169 9.94 8.15 7.26
C HIS B 169 8.63 8.90 7.16
N GLN B 170 8.09 8.95 5.95
CA GLN B 170 6.77 9.51 5.75
C GLN B 170 6.01 8.61 4.80
N GLN B 171 4.69 8.65 4.91
CA GLN B 171 3.84 7.84 4.05
C GLN B 171 2.67 8.69 3.56
N THR B 172 2.59 8.81 2.24
CA THR B 172 1.59 9.65 1.63
C THR B 172 0.50 8.79 0.98
N THR B 173 -0.75 9.22 1.14
CA THR B 173 -1.86 8.52 0.50
C THR B 173 -2.82 9.52 -0.09
N LEU B 174 -3.20 9.32 -1.35
CA LEU B 174 -4.22 10.15 -1.93
C LEU B 174 -5.56 9.58 -1.49
N LEU B 175 -6.40 10.44 -0.91
CA LEU B 175 -7.69 10.01 -0.37
C LEU B 175 -8.80 10.22 -1.37
N ARG B 176 -8.67 11.26 -2.19
CA ARG B 176 -9.67 11.61 -3.18
C ARG B 176 -9.02 12.45 -4.26
N HIS B 177 -9.38 12.19 -5.51
CA HIS B 177 -8.90 12.99 -6.63
C HIS B 177 -9.77 14.21 -6.83
N GLY B 178 -9.13 15.29 -7.26
CA GLY B 178 -9.82 16.48 -7.73
C GLY B 178 -8.99 16.99 -8.89
N PHE B 179 -9.26 16.48 -10.09
CA PHE B 179 -8.36 16.76 -11.22
C PHE B 179 -8.24 18.24 -11.55
N TYR B 180 -7.00 18.70 -11.57
CA TYR B 180 -6.67 20.00 -12.14
C TYR B 180 -7.51 20.17 -13.40
N PRO B 181 -8.13 21.35 -13.56
CA PRO B 181 -7.93 22.56 -12.76
C PRO B 181 -8.96 22.78 -11.66
N ALA B 182 -9.64 21.72 -11.21
CA ALA B 182 -10.54 21.83 -10.08
C ALA B 182 -9.83 21.55 -8.76
N GLY B 183 -10.53 21.81 -7.67
CA GLY B 183 -10.09 21.39 -6.34
C GLY B 183 -10.89 20.17 -5.97
N GLY B 184 -11.13 19.97 -4.67
CA GLY B 184 -11.96 18.87 -4.22
C GLY B 184 -11.20 17.59 -3.90
N GLY B 185 -9.91 17.57 -4.20
CA GLY B 185 -9.12 16.39 -3.95
C GLY B 185 -8.58 16.42 -2.54
N VAL B 186 -8.06 15.29 -2.09
CA VAL B 186 -7.48 15.22 -0.74
C VAL B 186 -6.30 14.25 -0.72
N VAL B 187 -5.19 14.74 -0.17
CA VAL B 187 -3.99 13.92 -0.03
C VAL B 187 -3.49 14.08 1.38
N ALA B 188 -3.09 12.98 2.02
CA ALA B 188 -2.60 13.07 3.39
C ALA B 188 -1.29 12.33 3.54
N THR B 189 -0.46 12.85 4.44
CA THR B 189 0.84 12.26 4.72
C THR B 189 1.00 12.06 6.22
N GLU B 190 1.43 10.85 6.61
CA GLU B 190 1.82 10.56 7.98
C GLU B 190 3.32 10.71 8.06
N VAL B 191 3.81 11.39 9.09
CA VAL B 191 5.26 11.56 9.21
C VAL B 191 5.78 11.28 10.63
N SER B 192 6.94 10.63 10.71
CA SER B 192 7.66 10.45 11.97
C SER B 192 8.92 11.28 11.96
N PRO B 193 9.34 11.77 13.13
CA PRO B 193 10.59 12.51 13.26
C PRO B 193 11.78 11.62 12.93
N VAL B 194 12.81 12.20 12.32
CA VAL B 194 14.02 11.46 12.01
CA VAL B 194 14.02 11.46 12.01
C VAL B 194 14.68 10.96 13.30
N ALA B 195 15.39 9.85 13.21
CA ALA B 195 16.16 9.35 14.35
C ALA B 195 17.64 9.40 13.97
N SER B 196 17.93 8.99 12.75
CA SER B 196 19.30 9.03 12.25
C SER B 196 19.31 9.12 10.74
N PHE B 197 20.28 9.86 10.19
CA PHE B 197 20.41 10.02 8.76
C PHE B 197 21.38 9.00 8.16
N ASN B 198 21.10 8.56 6.95
CA ASN B 198 21.98 7.70 6.19
C ASN B 198 22.45 8.40 4.92
N THR B 199 23.52 7.88 4.34
CA THR B 199 24.04 8.43 3.10
C THR B 199 23.52 7.65 1.91
N LEU B 200 22.71 8.30 1.08
CA LEU B 200 22.13 7.65 -0.08
C LEU B 200 23.02 7.91 -1.27
N GLN B 201 23.49 6.83 -1.89
CA GLN B 201 24.29 6.96 -3.09
C GLN B 201 23.62 6.24 -4.25
N LEU B 202 23.21 7.01 -5.26
CA LEU B 202 22.62 6.39 -6.44
C LEU B 202 23.47 6.66 -7.66
N GLY B 203 23.36 5.78 -8.65
CA GLY B 203 24.11 5.92 -9.88
C GLY B 203 23.36 5.32 -11.05
N GLU B 204 23.93 4.29 -11.66
CA GLU B 204 23.31 3.65 -12.81
C GLU B 204 21.96 3.03 -12.42
N ARG B 205 21.06 2.96 -13.40
CA ARG B 205 19.71 2.46 -13.18
C ARG B 205 19.66 0.94 -13.00
N GLY B 206 20.49 0.22 -13.76
CA GLY B 206 20.39 -1.23 -13.77
C GLY B 206 19.30 -1.66 -14.75
N ASN B 207 19.01 -2.96 -14.80
CA ASN B 207 18.03 -3.48 -15.77
C ASN B 207 16.57 -3.17 -15.39
N ILE B 208 15.67 -3.31 -16.35
CA ILE B 208 14.24 -3.20 -16.11
C ILE B 208 13.77 -4.46 -15.38
N VAL B 209 13.02 -4.29 -14.29
CA VAL B 209 12.31 -5.43 -13.68
C VAL B 209 10.87 -5.47 -14.17
N GLN B 210 10.19 -4.32 -14.11
CA GLN B 210 8.97 -4.24 -14.89
C GLN B 210 8.51 -2.82 -15.25
N MET B 211 7.64 -2.77 -16.26
CA MET B 211 6.94 -1.56 -16.69
C MET B 211 5.48 -1.69 -16.31
N ARG B 212 4.97 -0.70 -15.59
CA ARG B 212 3.55 -0.67 -15.21
C ARG B 212 2.90 0.55 -15.83
N GLY B 213 1.92 0.31 -16.70
CA GLY B 213 1.13 1.38 -17.28
C GLY B 213 -0.19 1.58 -16.54
N GLU B 214 -0.60 2.84 -16.39
CA GLU B 214 -1.77 3.19 -15.60
C GLU B 214 -2.52 4.34 -16.25
N VAL B 215 -3.84 4.23 -16.30
CA VAL B 215 -4.64 5.36 -16.74
C VAL B 215 -5.68 5.69 -15.66
N LEU B 216 -5.77 6.97 -15.30
CA LEU B 216 -6.91 7.44 -14.51
C LEU B 216 -7.90 8.17 -15.43
N LEU B 217 -9.18 7.85 -15.28
CA LEU B 217 -10.25 8.57 -16.00
C LEU B 217 -11.28 9.07 -15.00
N ALA B 218 -11.74 10.30 -15.21
CA ALA B 218 -12.93 10.76 -14.50
C ALA B 218 -13.80 11.64 -15.41
N GLY B 219 -15.01 11.18 -15.68
CA GLY B 219 -15.94 11.95 -16.48
C GLY B 219 -15.55 12.05 -17.94
N VAL B 220 -14.91 10.99 -18.43
CA VAL B 220 -14.41 10.93 -19.79
C VAL B 220 -14.72 9.53 -20.31
N PRO B 221 -14.96 9.38 -21.63
CA PRO B 221 -15.34 8.04 -22.12
C PRO B 221 -14.29 6.97 -21.86
N ARG B 222 -14.75 5.77 -21.50
CA ARG B 222 -13.85 4.65 -21.19
C ARG B 222 -12.85 4.31 -22.30
N HIS B 223 -13.25 4.45 -23.56
CA HIS B 223 -12.33 4.10 -24.66
C HIS B 223 -11.02 4.90 -24.62
N VAL B 224 -11.06 6.08 -24.02
CA VAL B 224 -9.85 6.93 -23.93
C VAL B 224 -8.73 6.19 -23.22
N ALA B 225 -9.07 5.47 -22.15
CA ALA B 225 -8.09 4.69 -21.41
C ALA B 225 -7.58 3.52 -22.23
N GLU B 226 -8.48 2.83 -22.93
CA GLU B 226 -8.07 1.68 -23.72
C GLU B 226 -7.12 2.11 -24.84
N ARG B 227 -7.39 3.25 -25.43
CA ARG B 227 -6.53 3.77 -26.48
C ARG B 227 -5.17 4.19 -25.91
N GLU B 228 -5.16 4.82 -24.75
CA GLU B 228 -3.90 5.23 -24.13
C GLU B 228 -3.02 4.04 -23.79
N ILE B 229 -3.60 3.02 -23.16
CA ILE B 229 -2.86 1.82 -22.80
C ILE B 229 -2.30 1.12 -24.05
N ALA B 230 -3.12 1.07 -25.10
CA ALA B 230 -2.69 0.47 -26.36
C ALA B 230 -1.46 1.20 -26.92
N THR B 231 -1.49 2.52 -26.88
CA THR B 231 -0.34 3.31 -27.35
C THR B 231 0.91 3.00 -26.53
N LEU B 232 0.78 2.91 -25.21
CA LEU B 232 1.93 2.54 -24.39
C LEU B 232 2.47 1.16 -24.79
N ALA B 233 1.57 0.20 -24.97
CA ALA B 233 1.96 -1.17 -25.29
C ALA B 233 2.63 -1.27 -26.67
N GLY B 234 2.39 -0.27 -27.52
CA GLY B 234 2.99 -0.26 -28.84
C GLY B 234 4.45 0.10 -28.77
N SER B 235 4.85 0.68 -27.64
CA SER B 235 6.25 1.07 -27.47
C SER B 235 6.96 0.29 -26.37
N PHE B 236 6.21 -0.16 -25.37
CA PHE B 236 6.83 -0.89 -24.26
C PHE B 236 6.08 -2.19 -23.97
N SER B 237 6.81 -3.19 -23.49
CA SER B 237 6.16 -4.39 -22.99
C SER B 237 5.66 -4.08 -21.58
N LEU B 238 4.34 -4.10 -21.38
CA LEU B 238 3.78 -3.78 -20.07
C LEU B 238 3.51 -5.03 -19.24
N HIS B 239 4.34 -5.22 -18.21
CA HIS B 239 4.14 -6.31 -17.25
C HIS B 239 2.86 -6.10 -16.46
N GLU B 240 2.50 -4.85 -16.23
CA GLU B 240 1.25 -4.57 -15.52
C GLU B 240 0.51 -3.44 -16.19
N GLN B 241 -0.81 -3.51 -16.16
CA GLN B 241 -1.59 -2.42 -16.72
C GLN B 241 -2.82 -2.24 -15.87
N ASN B 242 -3.14 -0.98 -15.63
CA ASN B 242 -4.24 -0.65 -14.75
C ASN B 242 -5.08 0.48 -15.33
N ILE B 243 -6.40 0.28 -15.33
CA ILE B 243 -7.30 1.35 -15.70
C ILE B 243 -8.23 1.63 -14.53
N HIS B 244 -8.29 2.90 -14.12
CA HIS B 244 -9.14 3.28 -12.98
C HIS B 244 -10.06 4.44 -13.32
N ASN B 245 -11.35 4.13 -13.40
CA ASN B 245 -12.38 5.08 -13.75
C ASN B 245 -12.97 5.61 -12.45
N LEU B 246 -12.81 6.90 -12.19
CA LEU B 246 -13.23 7.47 -10.93
C LEU B 246 -14.55 8.23 -11.08
N PRO B 247 -15.22 8.50 -9.96
CA PRO B 247 -16.48 9.24 -9.99
C PRO B 247 -16.35 10.54 -10.79
N ARG B 248 -17.31 10.73 -11.67
CA ARG B 248 -17.32 11.86 -12.60
C ARG B 248 -17.15 13.22 -11.94
N ASP B 249 -17.73 13.41 -10.77
CA ASP B 249 -17.62 14.69 -10.08
C ASP B 249 -16.17 15.04 -9.75
N GLN B 250 -15.31 14.03 -9.66
CA GLN B 250 -13.89 14.28 -9.39
C GLN B 250 -13.18 14.82 -10.63
N GLY B 251 -13.84 14.71 -11.78
CA GLY B 251 -13.27 15.15 -13.04
C GLY B 251 -14.00 16.38 -13.51
N PRO B 252 -13.97 16.66 -14.81
CA PRO B 252 -13.35 15.83 -15.86
C PRO B 252 -11.83 15.78 -15.70
N GLY B 253 -11.23 14.64 -16.02
CA GLY B 253 -9.79 14.51 -15.93
C GLY B 253 -9.28 13.21 -16.51
N ASN B 254 -8.01 13.20 -16.85
CA ASN B 254 -7.37 12.02 -17.42
C ASN B 254 -5.87 12.13 -17.29
N THR B 255 -5.25 11.12 -16.70
CA THR B 255 -3.78 11.06 -16.63
CA THR B 255 -3.79 11.05 -16.60
C THR B 255 -3.29 9.70 -17.09
N VAL B 256 -2.10 9.67 -17.67
CA VAL B 256 -1.50 8.41 -18.07
C VAL B 256 -0.15 8.34 -17.40
N SER B 257 0.17 7.20 -16.79
CA SER B 257 1.44 7.07 -16.09
C SER B 257 2.15 5.79 -16.49
N LEU B 258 3.46 5.78 -16.32
CA LEU B 258 4.26 4.61 -16.61
CA LEU B 258 4.25 4.60 -16.60
C LEU B 258 5.31 4.51 -15.51
N GLU B 259 5.24 3.43 -14.73
CA GLU B 259 6.19 3.21 -13.65
C GLU B 259 7.25 2.25 -14.18
N VAL B 260 8.51 2.64 -13.99
CA VAL B 260 9.65 1.86 -14.49
C VAL B 260 10.37 1.33 -13.27
N GLU B 261 10.09 0.07 -12.95
CA GLU B 261 10.75 -0.58 -11.82
C GLU B 261 12.00 -1.24 -12.34
N SER B 262 13.15 -0.73 -11.90
CA SER B 262 14.44 -1.23 -12.32
C SER B 262 15.21 -1.81 -11.13
N GLU B 263 16.35 -2.43 -11.40
CA GLU B 263 17.16 -3.04 -10.36
C GLU B 263 17.50 -2.09 -9.22
N ASN B 264 17.85 -0.86 -9.55
CA ASN B 264 18.40 0.04 -8.54
C ASN B 264 17.45 1.14 -8.10
N ILE B 265 16.30 1.23 -8.73
CA ILE B 265 15.36 2.30 -8.39
C ILE B 265 14.02 2.03 -9.02
N THR B 266 12.97 2.62 -8.45
CA THR B 266 11.68 2.69 -9.14
C THR B 266 11.40 4.14 -9.49
N GLU B 267 11.10 4.41 -10.76
CA GLU B 267 10.74 5.75 -11.20
C GLU B 267 9.32 5.75 -11.74
N ARG B 268 8.74 6.94 -11.86
CA ARG B 268 7.40 7.09 -12.44
C ARG B 268 7.30 8.36 -13.25
N PHE B 269 6.66 8.26 -14.41
CA PHE B 269 6.42 9.40 -15.27
C PHE B 269 4.93 9.51 -15.56
N PHE B 270 4.44 10.74 -15.70
CA PHE B 270 3.03 10.91 -15.97
C PHE B 270 2.75 12.11 -16.85
N VAL B 271 1.61 12.04 -17.54
CA VAL B 271 1.15 13.14 -18.37
CA VAL B 271 1.16 13.14 -18.37
C VAL B 271 -0.31 13.40 -18.07
N VAL B 272 -0.69 14.66 -18.06
CA VAL B 272 -2.07 15.05 -17.81
C VAL B 272 -2.75 15.34 -19.14
N GLY B 273 -3.81 14.59 -19.43
CA GLY B 273 -4.62 14.84 -20.60
C GLY B 273 -5.25 16.22 -20.58
N GLU B 274 -4.89 17.06 -21.55
CA GLU B 274 -5.40 18.41 -21.66
C GLU B 274 -6.63 18.44 -22.58
N LYS B 275 -7.28 19.59 -22.68
CA LYS B 275 -8.46 19.68 -23.52
C LYS B 275 -8.08 19.72 -24.99
N ARG B 276 -8.81 18.95 -25.81
CA ARG B 276 -8.58 18.90 -27.26
C ARG B 276 -7.31 18.17 -27.68
N VAL B 277 -6.80 17.30 -26.81
CA VAL B 277 -5.66 16.45 -27.19
C VAL B 277 -6.09 14.98 -27.14
N SER B 278 -5.86 14.27 -28.24
CA SER B 278 -6.35 12.89 -28.35
C SER B 278 -5.62 11.93 -27.42
N ALA B 279 -6.31 10.87 -27.04
CA ALA B 279 -5.75 9.82 -26.20
C ALA B 279 -4.37 9.38 -26.68
N GLU B 280 -4.24 9.18 -27.99
CA GLU B 280 -3.01 8.68 -28.58
C GLU B 280 -1.87 9.67 -28.43
N VAL B 281 -2.16 10.94 -28.65
CA VAL B 281 -1.16 11.99 -28.49
C VAL B 281 -0.73 12.15 -27.03
N VAL B 282 -1.69 12.11 -26.12
CA VAL B 282 -1.41 12.19 -24.67
C VAL B 282 -0.41 11.08 -24.28
N ALA B 283 -0.74 9.86 -24.67
CA ALA B 283 0.09 8.69 -24.41
C ALA B 283 1.44 8.76 -25.15
N ALA B 284 1.44 9.27 -26.36
CA ALA B 284 2.68 9.42 -27.12
C ALA B 284 3.68 10.34 -26.40
N GLN B 285 3.17 11.39 -25.78
CA GLN B 285 4.01 12.32 -25.05
C GLN B 285 4.66 11.64 -23.86
N LEU B 286 3.90 10.78 -23.19
CA LEU B 286 4.44 10.00 -22.08
C LEU B 286 5.51 9.04 -22.60
N VAL B 287 5.22 8.38 -23.71
CA VAL B 287 6.17 7.45 -24.28
C VAL B 287 7.48 8.16 -24.59
N LYS B 288 7.39 9.35 -25.17
CA LYS B 288 8.60 10.10 -25.50
C LYS B 288 9.42 10.45 -24.25
N GLU B 289 8.75 10.88 -23.20
CA GLU B 289 9.40 11.22 -21.94
C GLU B 289 10.13 10.01 -21.33
N VAL B 290 9.49 8.86 -21.33
CA VAL B 290 10.07 7.68 -20.75
C VAL B 290 11.25 7.17 -21.58
N LYS B 291 11.13 7.21 -22.90
CA LYS B 291 12.26 6.84 -23.73
C LYS B 291 13.47 7.75 -23.48
N ARG B 292 13.21 9.03 -23.25
CA ARG B 292 14.31 9.95 -23.00
C ARG B 292 15.02 9.64 -21.67
N TYR B 293 14.25 9.23 -20.66
CA TYR B 293 14.82 8.76 -19.40
C TYR B 293 15.62 7.48 -19.64
N LEU B 294 15.05 6.56 -20.42
CA LEU B 294 15.71 5.29 -20.65
C LEU B 294 16.94 5.40 -21.56
N ALA B 295 17.05 6.49 -22.30
CA ALA B 295 18.16 6.69 -23.24
C ALA B 295 19.43 7.10 -22.54
N SER B 296 19.30 7.39 -21.25
CA SER B 296 20.43 7.69 -20.38
C SER B 296 20.60 6.58 -19.34
N THR B 297 21.76 6.52 -18.70
CA THR B 297 22.05 5.46 -17.75
C THR B 297 21.52 5.70 -16.35
N ALA B 298 21.15 6.94 -16.05
CA ALA B 298 20.88 7.29 -14.64
C ALA B 298 19.60 6.70 -14.05
N ALA B 299 19.68 6.33 -12.77
CA ALA B 299 18.53 5.85 -12.02
C ALA B 299 17.56 6.99 -11.74
N VAL B 300 18.06 8.10 -11.21
CA VAL B 300 17.22 9.23 -10.84
C VAL B 300 16.77 10.00 -12.09
N GLY B 301 15.47 10.31 -12.18
CA GLY B 301 14.93 11.05 -13.32
C GLY B 301 14.98 12.54 -13.07
N GLU B 302 14.57 13.35 -14.05
CA GLU B 302 14.73 14.82 -13.95
C GLU B 302 13.97 15.49 -12.79
N TYR B 303 12.80 14.95 -12.45
CA TYR B 303 11.95 15.54 -11.42
C TYR B 303 12.38 15.10 -10.03
N LEU B 304 12.55 13.79 -9.88
CA LEU B 304 13.06 13.21 -8.63
C LEU B 304 14.34 13.92 -8.20
N ALA B 305 15.15 14.33 -9.19
CA ALA B 305 16.42 14.98 -8.87
C ALA B 305 16.23 16.16 -7.96
N ASP B 306 15.25 17.01 -8.26
CA ASP B 306 15.13 18.25 -7.50
C ASP B 306 14.55 18.02 -6.12
N GLN B 307 13.89 16.89 -5.95
CA GLN B 307 13.24 16.51 -4.71
C GLN B 307 14.13 15.74 -3.76
N LEU B 308 15.33 15.38 -4.22
CA LEU B 308 16.28 14.68 -3.38
C LEU B 308 17.29 15.60 -2.72
N VAL B 309 17.49 16.79 -3.29
CA VAL B 309 18.53 17.69 -2.81
C VAL B 309 18.37 18.10 -1.34
N LEU B 310 17.16 18.49 -0.98
CA LEU B 310 16.87 18.93 0.38
C LEU B 310 17.08 17.82 1.42
N PRO B 311 16.48 16.64 1.20
CA PRO B 311 16.73 15.59 2.19
C PRO B 311 18.18 15.12 2.20
N MET B 312 18.87 15.10 1.07
CA MET B 312 20.27 14.68 1.12
C MET B 312 21.12 15.71 1.87
N ALA B 313 20.82 16.97 1.64
CA ALA B 313 21.55 18.05 2.32
C ALA B 313 21.36 17.98 3.82
N LEU B 314 20.13 17.72 4.27
CA LEU B 314 19.88 17.59 5.70
C LEU B 314 20.65 16.41 6.27
N ALA B 315 20.85 15.38 5.45
CA ALA B 315 21.61 14.21 5.87
C ALA B 315 23.10 14.54 5.94
N GLY B 316 23.50 15.59 5.23
CA GLY B 316 24.89 16.02 5.21
C GLY B 316 25.73 15.30 4.17
N ALA B 317 25.11 14.39 3.41
CA ALA B 317 25.85 13.60 2.43
C ALA B 317 24.94 12.83 1.50
N GLY B 318 25.46 12.52 0.32
CA GLY B 318 24.72 11.71 -0.62
C GLY B 318 25.09 12.09 -2.04
N GLU B 319 24.60 11.30 -2.98
CA GLU B 319 24.81 11.61 -4.39
C GLU B 319 23.89 10.83 -5.29
N PHE B 320 23.70 11.33 -6.50
CA PHE B 320 23.03 10.57 -7.53
C PHE B 320 23.48 11.09 -8.89
N THR B 321 23.18 10.32 -9.93
CA THR B 321 23.37 10.79 -11.29
C THR B 321 22.03 11.12 -11.93
N VAL B 322 22.03 12.11 -12.83
CA VAL B 322 20.79 12.48 -13.54
C VAL B 322 21.18 12.89 -14.95
N ALA B 323 20.37 12.52 -15.92
CA ALA B 323 20.67 12.84 -17.31
C ALA B 323 20.59 14.34 -17.59
N HIS B 324 19.56 14.99 -17.06
CA HIS B 324 19.33 16.39 -17.36
C HIS B 324 19.05 17.23 -16.11
N PRO B 325 20.10 17.84 -15.54
CA PRO B 325 19.94 18.74 -14.40
C PRO B 325 19.03 19.88 -14.79
N SER B 326 17.91 20.02 -14.09
CA SER B 326 16.89 21.00 -14.47
C SER B 326 17.09 22.33 -13.76
N SER B 327 16.35 23.34 -14.19
CA SER B 327 16.43 24.65 -13.56
C SER B 327 16.02 24.55 -12.11
N ASN B 328 14.99 23.74 -11.85
CA ASN B 328 14.53 23.50 -10.50
C ASN B 328 15.60 22.89 -9.64
N LEU B 329 16.31 21.91 -10.19
CA LEU B 329 17.37 21.26 -9.45
C LEU B 329 18.43 22.29 -9.03
N LEU B 330 18.85 23.12 -9.98
CA LEU B 330 19.83 24.15 -9.69
C LEU B 330 19.31 25.17 -8.68
N THR B 331 18.04 25.55 -8.85
CA THR B 331 17.41 26.48 -7.93
C THR B 331 17.41 25.94 -6.51
N ASN B 332 17.04 24.66 -6.37
CA ASN B 332 17.04 24.06 -5.05
C ASN B 332 18.40 23.99 -4.41
N ILE B 333 19.40 23.55 -5.18
CA ILE B 333 20.75 23.51 -4.67
C ILE B 333 21.16 24.88 -4.14
N ALA B 334 20.89 25.93 -4.91
CA ALA B 334 21.27 27.28 -4.51
C ALA B 334 20.63 27.71 -3.19
N VAL B 335 19.34 27.42 -3.02
CA VAL B 335 18.64 27.78 -1.79
C VAL B 335 19.16 26.99 -0.60
N VAL B 336 19.38 25.69 -0.82
CA VAL B 336 19.89 24.84 0.25
C VAL B 336 21.24 25.35 0.74
N GLU B 337 22.10 25.76 -0.19
CA GLU B 337 23.43 26.20 0.16
C GLU B 337 23.41 27.51 0.95
N ARG B 338 22.35 28.28 0.79
CA ARG B 338 22.16 29.50 1.56
C ARG B 338 21.75 29.19 3.01
N PHE B 339 21.02 28.09 3.24
CA PHE B 339 20.55 27.78 4.59
C PHE B 339 21.44 26.81 5.34
N LEU B 340 22.12 25.94 4.59
CA LEU B 340 22.87 24.84 5.19
C LEU B 340 24.36 24.88 4.79
N PRO B 341 25.23 24.37 5.67
CA PRO B 341 26.67 24.32 5.45
C PRO B 341 27.06 23.16 4.55
N VAL B 342 26.31 22.95 3.48
CA VAL B 342 26.65 21.90 2.54
CA VAL B 342 26.64 21.90 2.53
C VAL B 342 27.00 22.52 1.20
N ARG B 343 27.82 21.82 0.43
CA ARG B 343 28.14 22.25 -0.92
C ARG B 343 27.97 21.07 -1.88
N PHE B 344 27.23 21.30 -2.97
CA PHE B 344 27.02 20.28 -3.99
C PHE B 344 28.04 20.49 -5.11
N SER B 345 28.46 19.40 -5.74
CA SER B 345 29.14 19.51 -7.02
C SER B 345 28.28 18.86 -8.10
N LEU B 346 28.29 19.45 -9.29
CA LEU B 346 27.62 18.86 -10.44
C LEU B 346 28.64 18.65 -11.55
N ILE B 347 29.04 17.38 -11.73
CA ILE B 347 30.09 17.07 -12.69
C ILE B 347 29.50 16.20 -13.78
N GLU B 348 29.50 16.72 -15.01
CA GLU B 348 28.90 16.03 -16.14
C GLU B 348 29.94 15.40 -17.04
N THR B 349 29.73 14.14 -17.39
CA THR B 349 30.51 13.48 -18.43
C THR B 349 29.62 12.56 -19.25
N ASP B 350 29.81 12.58 -20.57
CA ASP B 350 29.06 11.70 -21.45
C ASP B 350 27.56 11.88 -21.25
N GLY B 351 27.15 13.12 -21.00
CA GLY B 351 25.74 13.45 -20.87
C GLY B 351 25.06 12.96 -19.60
N VAL B 352 25.85 12.50 -18.62
CA VAL B 352 25.29 12.20 -17.30
C VAL B 352 25.97 13.04 -16.21
N THR B 353 25.16 13.77 -15.46
CA THR B 353 25.68 14.63 -14.40
C THR B 353 25.65 13.93 -13.05
N ARG B 354 26.77 13.96 -12.35
CA ARG B 354 26.81 13.45 -10.99
C ARG B 354 26.61 14.60 -10.01
N VAL B 355 25.51 14.54 -9.28
CA VAL B 355 25.19 15.54 -8.28
C VAL B 355 25.61 14.94 -6.96
N SER B 356 26.56 15.58 -6.28
CA SER B 356 27.04 15.01 -5.02
C SER B 356 27.31 16.10 -4.00
N ILE B 357 27.16 15.73 -2.73
CA ILE B 357 27.48 16.63 -1.65
C ILE B 357 28.97 16.51 -1.32
N GLU B 358 29.68 17.63 -1.40
CA GLU B 358 31.11 17.65 -1.11
C GLU B 358 31.35 17.37 0.37
#